data_4G33
#
_entry.id   4G33
#
_cell.length_a   84.850
_cell.length_b   97.276
_cell.length_c   157.160
_cell.angle_alpha   90.00
_cell.angle_beta   90.00
_cell.angle_gamma   90.00
#
_symmetry.space_group_name_H-M   'C 2 2 21'
#
loop_
_entity.id
_entity.type
_entity.pdbx_description
1 polymer 15S-LIPOXYGENASE
2 non-polymer 'FE (II) ION'
3 non-polymer '(2R)-3-{[(S)-(2-aminoethoxy)(hydroxy)phosphoryl]oxy}-2-(tetradec-5-enoyloxy)propyl (11Z)-octadec-11-enoate'
4 non-polymer GLYCEROL
5 water water
#
_entity_poly.entity_id   1
_entity_poly.type   'polypeptide(L)'
_entity_poly.pdbx_seq_one_letter_code
;MGSSHHHHHHSSGLVPRGSHMANDSIFFSPLKYLGAEQQRSIDASRSLLDNLIPPSLPQYDNLAGKLARRAVLTSKKLVY
VWTENFANVKGVPMARSVPLGELPNVDWLLKTAGVIVELIVNFVASLPASAAAQFERIAAGLSGDLEAARQVHEALLEEA
KNDPAAAGSLLLRFTELQTRVIALLTRVGLLVDDILKSASNLVTQGGQGDGLNRFRAVFGTLRLPEVADSFRDDEAFAYW
RVAGPNPLLIRRVDALPANFPLGEEQFRRVMGADDSLLEAAASRRLYLLDYAELGKLAPSGAVDKLLTGTGFAYAPIALF
ALGKDRAGLLPVAIQCGQDPATHPMFVRPAESESDLYWGWQMAKTVVQVAEENYHEMFVHLAQTHLVSEAFCLATQRTLA
PSHPLHVLLAPHFEGTLFINEGAARILLPSAGFIDVMFAAPIQDTQATAGGNRLGFDFYRGMLPESLKARNVDDPAALPD
YPYRDDGLLVWNAIRQWAADYVAVYYASDGDVTADVELAAWVGEVIGSGKVAGFRPITGRSQLVEVLTMVIFTASAQHAA
VNFPQPSMMTYAPAICAMSAAPAPDSPSGKSEADWLKMMPPTLVALEKVNIYHLLGSVYHGRLGDYRQTGFPYAPVFSDR
RVTASGGPLERFQARLKEVEATIRTRNQARRKPYEYLLPSRIPASTNI
;
_entity_poly.pdbx_strand_id   A
#
loop_
_chem_comp.id
_chem_comp.type
_chem_comp.name
_chem_comp.formula
FE2 non-polymer 'FE (II) ION' 'Fe 2'
GOL non-polymer GLYCEROL 'C3 H8 O3'
ZPE non-polymer '(2R)-3-{[(S)-(2-aminoethoxy)(hydroxy)phosphoryl]oxy}-2-(tetradec-5-enoyloxy)propyl (11Z)-octadec-11-enoate' 'C37 H70 N O8 P'
#
# COMPACT_ATOMS: atom_id res chain seq x y z
N ALA A 22 28.29 -2.43 -40.81
CA ALA A 22 29.73 -2.50 -41.06
C ALA A 22 30.55 -2.13 -39.82
N ASN A 23 31.69 -2.83 -39.64
CA ASN A 23 32.65 -2.68 -38.54
C ASN A 23 34.00 -3.35 -38.98
N ASP A 24 35.04 -3.54 -38.11
CA ASP A 24 35.12 -3.21 -36.69
C ASP A 24 35.98 -1.98 -36.42
N SER A 25 35.32 -0.92 -35.93
CA SER A 25 35.99 0.34 -35.60
C SER A 25 36.59 0.28 -34.21
N ILE A 26 37.75 0.95 -34.02
CA ILE A 26 38.47 1.06 -32.75
C ILE A 26 37.57 1.73 -31.68
N PHE A 27 36.67 2.64 -32.10
CA PHE A 27 35.74 3.31 -31.19
C PHE A 27 34.68 2.39 -30.63
N PHE A 28 34.52 1.20 -31.25
CA PHE A 28 33.56 0.21 -30.74
C PHE A 28 34.17 -0.79 -29.73
N SER A 29 35.47 -0.60 -29.40
CA SER A 29 36.25 -1.38 -28.43
C SER A 29 35.60 -1.50 -27.03
N PRO A 30 35.08 -0.41 -26.38
CA PRO A 30 34.43 -0.59 -25.06
C PRO A 30 33.17 -1.44 -25.09
N LEU A 31 32.35 -1.26 -26.15
CA LEU A 31 31.05 -1.88 -26.38
C LEU A 31 31.08 -3.42 -26.43
N LYS A 32 32.20 -4.00 -26.92
CA LYS A 32 32.38 -5.45 -27.03
C LYS A 32 32.13 -6.24 -25.75
N TYR A 33 32.54 -5.70 -24.58
CA TYR A 33 32.44 -6.41 -23.31
C TYR A 33 31.53 -5.83 -22.21
N LEU A 34 30.98 -4.60 -22.38
CA LEU A 34 30.08 -4.04 -21.36
C LEU A 34 28.64 -4.52 -21.47
N GLY A 35 28.22 -5.29 -20.47
CA GLY A 35 26.87 -5.83 -20.38
C GLY A 35 26.12 -5.20 -19.24
N ALA A 36 24.85 -5.58 -19.03
CA ALA A 36 24.05 -5.03 -17.94
C ALA A 36 24.56 -5.50 -16.56
N GLU A 37 25.01 -6.77 -16.47
CA GLU A 37 25.52 -7.38 -15.24
C GLU A 37 26.73 -6.63 -14.72
N GLN A 38 27.70 -6.41 -15.63
CA GLN A 38 28.93 -5.68 -15.37
C GLN A 38 28.59 -4.26 -14.92
N GLN A 39 27.65 -3.61 -15.63
CA GLN A 39 27.22 -2.27 -15.30
C GLN A 39 26.57 -2.21 -13.92
N ARG A 40 25.81 -3.25 -13.53
CA ARG A 40 25.20 -3.33 -12.20
C ARG A 40 26.29 -3.48 -11.13
N SER A 41 27.33 -4.27 -11.41
CA SER A 41 28.46 -4.43 -10.51
C SER A 41 29.21 -3.09 -10.37
N ILE A 42 29.55 -2.43 -11.52
CA ILE A 42 30.22 -1.12 -11.55
C ILE A 42 29.47 -0.14 -10.64
N ASP A 43 28.17 0.05 -10.91
CA ASP A 43 27.29 0.96 -10.19
C ASP A 43 27.16 0.65 -8.69
N ALA A 44 27.12 -0.64 -8.31
CA ALA A 44 27.02 -1.06 -6.91
C ALA A 44 28.28 -0.65 -6.12
N SER A 45 29.47 -0.90 -6.69
CA SER A 45 30.75 -0.56 -6.09
C SER A 45 30.91 0.96 -6.00
N ARG A 46 30.49 1.69 -7.07
CA ARG A 46 30.49 3.15 -7.14
C ARG A 46 29.50 3.77 -6.15
N SER A 47 28.43 3.04 -5.80
CA SER A 47 27.41 3.50 -4.84
C SER A 47 27.88 3.44 -3.39
N LEU A 48 29.02 2.80 -3.09
CA LEU A 48 29.61 2.75 -1.75
C LEU A 48 30.62 3.89 -1.63
N LEU A 49 31.26 4.21 -2.77
CA LEU A 49 32.29 5.23 -2.89
C LEU A 49 31.69 6.61 -2.77
N ASP A 50 30.55 6.83 -3.42
CA ASP A 50 29.84 8.12 -3.38
C ASP A 50 29.14 8.38 -2.03
N ASN A 51 29.04 7.35 -1.16
CA ASN A 51 28.46 7.45 0.18
C ASN A 51 29.47 7.99 1.19
N LEU A 52 30.78 7.85 0.88
CA LEU A 52 31.89 8.33 1.69
C LEU A 52 31.88 9.85 1.76
N ILE A 53 31.26 10.50 0.75
CA ILE A 53 31.20 11.96 0.70
C ILE A 53 30.36 12.50 1.88
N PRO A 54 30.95 13.36 2.76
CA PRO A 54 30.16 13.89 3.90
C PRO A 54 29.00 14.75 3.37
N PRO A 55 27.74 14.54 3.85
CA PRO A 55 26.61 15.31 3.30
C PRO A 55 26.68 16.78 3.59
N SER A 56 26.24 17.61 2.64
CA SER A 56 26.24 19.07 2.78
C SER A 56 25.17 19.72 1.91
N LEU A 57 24.66 20.89 2.37
CA LEU A 57 23.70 21.71 1.63
C LEU A 57 24.51 22.38 0.49
N PRO A 58 23.95 22.55 -0.74
CA PRO A 58 24.75 23.12 -1.83
C PRO A 58 25.47 24.44 -1.54
N GLN A 59 24.83 25.37 -0.79
CA GLN A 59 25.43 26.67 -0.45
C GLN A 59 26.63 26.56 0.47
N TYR A 60 26.74 25.44 1.22
CA TYR A 60 27.87 25.21 2.13
C TYR A 60 28.96 24.35 1.52
N ASP A 61 28.73 23.85 0.31
CA ASP A 61 29.72 23.04 -0.40
C ASP A 61 30.71 23.99 -1.05
N ASN A 62 31.94 23.51 -1.29
CA ASN A 62 32.96 24.32 -1.96
C ASN A 62 32.69 24.32 -3.48
N LEU A 63 33.38 25.15 -4.26
CA LEU A 63 33.20 25.24 -5.71
C LEU A 63 33.27 23.87 -6.42
N ALA A 64 34.27 23.03 -6.06
CA ALA A 64 34.47 21.69 -6.64
C ALA A 64 33.27 20.79 -6.39
N GLY A 65 32.74 20.89 -5.17
CA GLY A 65 31.57 20.16 -4.72
C GLY A 65 30.35 20.60 -5.48
N LYS A 66 30.16 21.93 -5.61
CA LYS A 66 29.04 22.52 -6.36
C LYS A 66 28.99 22.06 -7.81
N LEU A 67 30.14 22.01 -8.49
CA LEU A 67 30.25 21.61 -9.90
C LEU A 67 29.92 20.14 -10.11
N ALA A 68 30.50 19.27 -9.26
CA ALA A 68 30.26 17.81 -9.35
C ALA A 68 28.80 17.47 -9.10
N ARG A 69 28.17 18.09 -8.08
CA ARG A 69 26.75 17.81 -7.80
C ARG A 69 25.81 18.29 -8.92
N ARG A 70 26.15 19.41 -9.58
CA ARG A 70 25.41 19.95 -10.72
C ARG A 70 25.59 19.05 -11.96
N ALA A 71 26.77 18.39 -12.10
CA ALA A 71 27.03 17.46 -13.20
C ALA A 71 26.25 16.15 -12.96
N VAL A 72 26.26 15.61 -11.72
CA VAL A 72 25.50 14.40 -11.35
C VAL A 72 23.99 14.58 -11.60
N LEU A 73 23.42 15.70 -11.12
CA LEU A 73 21.99 16.00 -11.29
C LEU A 73 21.55 16.08 -12.76
N THR A 74 22.47 16.51 -13.64
CA THR A 74 22.24 16.65 -15.08
C THR A 74 22.17 15.25 -15.66
N SER A 75 23.09 14.36 -15.26
CA SER A 75 23.09 12.99 -15.73
C SER A 75 21.95 12.16 -15.08
N LYS A 76 21.50 12.55 -13.87
CA LYS A 76 20.37 11.90 -13.18
C LYS A 76 19.08 12.13 -13.99
N LYS A 77 18.92 13.33 -14.57
CA LYS A 77 17.75 13.71 -15.38
C LYS A 77 17.60 12.93 -16.70
N LEU A 78 18.65 12.22 -17.11
CA LEU A 78 18.70 11.40 -18.32
C LEU A 78 18.12 10.03 -18.04
N VAL A 79 18.36 9.54 -16.82
CA VAL A 79 18.05 8.21 -16.27
C VAL A 79 16.66 8.20 -15.63
N TYR A 80 16.32 9.26 -14.87
CA TYR A 80 15.03 9.41 -14.18
C TYR A 80 14.22 10.41 -15.00
N VAL A 81 13.30 9.92 -15.84
CA VAL A 81 12.51 10.73 -16.77
C VAL A 81 11.02 10.68 -16.45
N TRP A 82 10.37 11.86 -16.34
CA TRP A 82 8.94 11.97 -16.06
C TRP A 82 8.13 11.69 -17.31
N THR A 83 6.96 11.05 -17.12
CA THR A 83 5.98 10.77 -18.16
C THR A 83 4.59 10.77 -17.52
N GLU A 84 3.61 11.17 -18.31
CA GLU A 84 2.19 11.15 -17.96
C GLU A 84 1.45 10.32 -19.00
N ASN A 85 2.22 9.50 -19.74
CA ASN A 85 1.71 8.65 -20.80
C ASN A 85 2.18 7.19 -20.61
N PHE A 86 2.42 6.78 -19.34
CA PHE A 86 2.84 5.41 -19.03
C PHE A 86 1.67 4.47 -19.31
N ALA A 87 1.92 3.32 -19.97
CA ALA A 87 0.88 2.34 -20.30
C ALA A 87 0.00 2.02 -19.10
N ASN A 88 -1.33 2.02 -19.30
CA ASN A 88 -2.32 1.68 -18.28
C ASN A 88 -2.48 2.63 -17.11
N VAL A 89 -1.72 3.75 -17.09
CA VAL A 89 -1.79 4.73 -16.01
C VAL A 89 -1.67 6.14 -16.57
N LYS A 90 -2.32 6.39 -17.73
CA LYS A 90 -2.30 7.71 -18.37
C LYS A 90 -2.68 8.84 -17.39
N GLY A 91 -1.93 9.94 -17.45
CA GLY A 91 -2.18 11.13 -16.65
C GLY A 91 -1.48 11.17 -15.31
N VAL A 92 -0.99 10.01 -14.86
CA VAL A 92 -0.31 9.87 -13.58
C VAL A 92 1.19 10.14 -13.78
N PRO A 93 1.81 11.12 -13.09
CA PRO A 93 3.26 11.29 -13.25
C PRO A 93 3.98 10.00 -12.85
N MET A 94 4.65 9.38 -13.83
CA MET A 94 5.38 8.12 -13.63
C MET A 94 6.82 8.24 -14.18
N ALA A 95 7.68 7.27 -13.82
CA ALA A 95 9.02 7.20 -14.35
C ALA A 95 8.88 6.53 -15.72
N ARG A 96 9.47 7.12 -16.75
CA ARG A 96 9.41 6.51 -18.10
C ARG A 96 9.89 5.06 -18.09
N SER A 97 10.92 4.76 -17.29
CA SER A 97 11.46 3.40 -17.14
C SER A 97 12.15 3.30 -15.78
N VAL A 98 12.42 2.07 -15.33
CA VAL A 98 13.10 1.82 -14.06
C VAL A 98 14.61 1.77 -14.30
N PRO A 99 15.42 2.66 -13.68
CA PRO A 99 16.88 2.60 -13.89
C PRO A 99 17.47 1.29 -13.35
N LEU A 100 18.64 0.85 -13.91
CA LEU A 100 19.38 -0.37 -13.52
C LEU A 100 19.56 -0.48 -12.01
N GLY A 101 19.98 0.64 -11.40
CA GLY A 101 20.20 0.76 -9.97
C GLY A 101 18.89 0.76 -9.17
N GLU A 102 17.75 0.93 -9.85
CA GLU A 102 16.45 0.91 -9.15
C GLU A 102 15.78 -0.47 -9.17
N LEU A 103 16.40 -1.48 -9.84
CA LEU A 103 15.84 -2.85 -9.85
C LEU A 103 15.98 -3.40 -8.41
N PRO A 104 15.07 -4.28 -7.94
CA PRO A 104 15.18 -4.80 -6.56
C PRO A 104 16.48 -5.53 -6.28
N ASN A 105 17.04 -5.41 -5.04
CA ASN A 105 18.26 -6.12 -4.66
C ASN A 105 17.95 -7.63 -4.48
N VAL A 106 18.99 -8.48 -4.33
CA VAL A 106 18.81 -9.94 -4.17
C VAL A 106 17.84 -10.30 -3.06
N ASP A 107 17.99 -9.67 -1.88
CA ASP A 107 17.16 -9.91 -0.68
C ASP A 107 15.65 -9.72 -0.95
N TRP A 108 15.28 -8.69 -1.75
CA TRP A 108 13.86 -8.46 -2.10
C TRP A 108 13.40 -9.53 -3.06
N LEU A 109 14.21 -9.79 -4.09
CA LEU A 109 13.91 -10.76 -5.13
C LEU A 109 13.70 -12.19 -4.59
N LEU A 110 14.54 -12.66 -3.65
CA LEU A 110 14.45 -13.99 -3.03
C LEU A 110 13.19 -14.16 -2.21
N LYS A 111 12.85 -13.13 -1.39
CA LYS A 111 11.66 -13.14 -0.56
C LYS A 111 10.43 -13.18 -1.44
N THR A 112 10.33 -12.25 -2.42
CA THR A 112 9.21 -12.17 -3.35
C THR A 112 9.09 -13.47 -4.19
N ALA A 113 10.23 -13.97 -4.77
CA ALA A 113 10.19 -15.21 -5.56
C ALA A 113 9.72 -16.41 -4.72
N GLY A 114 10.10 -16.42 -3.44
CA GLY A 114 9.73 -17.47 -2.49
C GLY A 114 8.24 -17.52 -2.27
N VAL A 115 7.59 -16.34 -2.11
CA VAL A 115 6.14 -16.25 -1.89
C VAL A 115 5.41 -16.66 -3.18
N ILE A 116 5.80 -16.09 -4.33
CA ILE A 116 5.17 -16.42 -5.63
C ILE A 116 5.28 -17.91 -5.93
N VAL A 117 6.49 -18.51 -5.78
CA VAL A 117 6.68 -19.95 -6.03
C VAL A 117 5.76 -20.79 -5.10
N GLU A 118 5.71 -20.44 -3.80
CA GLU A 118 4.87 -21.09 -2.78
C GLU A 118 3.41 -21.10 -3.25
N LEU A 119 2.91 -19.92 -3.72
CA LEU A 119 1.54 -19.74 -4.20
C LEU A 119 1.24 -20.58 -5.46
N ILE A 120 2.19 -20.57 -6.44
CA ILE A 120 2.08 -21.39 -7.67
C ILE A 120 2.00 -22.87 -7.31
N VAL A 121 2.87 -23.32 -6.38
CA VAL A 121 2.91 -24.73 -5.92
C VAL A 121 1.59 -25.11 -5.27
N ASN A 122 1.02 -24.20 -4.45
CA ASN A 122 -0.27 -24.39 -3.80
C ASN A 122 -1.40 -24.48 -4.82
N PHE A 123 -1.44 -23.56 -5.80
CA PHE A 123 -2.46 -23.55 -6.86
C PHE A 123 -2.46 -24.84 -7.71
N VAL A 124 -1.27 -25.26 -8.17
CA VAL A 124 -1.12 -26.44 -9.04
C VAL A 124 -1.48 -27.72 -8.30
N ALA A 125 -1.26 -27.76 -6.96
CA ALA A 125 -1.61 -28.92 -6.13
C ALA A 125 -3.15 -29.09 -5.98
N SER A 126 -3.91 -28.00 -6.15
CA SER A 126 -5.39 -28.00 -6.05
C SER A 126 -6.05 -28.35 -7.40
N LEU A 127 -5.28 -28.26 -8.48
CA LEU A 127 -5.78 -28.58 -9.82
C LEU A 127 -5.95 -30.07 -9.97
N PRO A 128 -6.98 -30.55 -10.73
CA PRO A 128 -7.07 -32.00 -10.97
C PRO A 128 -5.79 -32.46 -11.63
N ALA A 129 -5.32 -33.67 -11.30
CA ALA A 129 -4.06 -34.24 -11.79
C ALA A 129 -3.82 -33.99 -13.28
N SER A 130 -4.84 -34.23 -14.13
CA SER A 130 -4.79 -34.06 -15.58
C SER A 130 -4.47 -32.62 -15.98
N ALA A 131 -5.11 -31.65 -15.32
CA ALA A 131 -4.89 -30.22 -15.55
C ALA A 131 -3.57 -29.74 -14.94
N ALA A 132 -3.18 -30.31 -13.77
CA ALA A 132 -1.93 -29.96 -13.07
C ALA A 132 -0.69 -30.45 -13.83
N ALA A 133 -0.82 -31.54 -14.62
CA ALA A 133 0.28 -32.13 -15.41
C ALA A 133 0.99 -31.10 -16.28
N GLN A 134 0.24 -30.09 -16.77
CA GLN A 134 0.74 -29.00 -17.62
C GLN A 134 1.71 -28.05 -16.91
N PHE A 135 1.61 -27.94 -15.57
CA PHE A 135 2.42 -26.96 -14.81
C PHE A 135 3.33 -27.53 -13.71
N GLU A 136 2.99 -28.68 -13.09
CA GLU A 136 3.74 -29.28 -11.98
C GLU A 136 5.25 -29.46 -12.11
N ARG A 137 5.74 -29.81 -13.33
CA ARG A 137 7.17 -29.99 -13.58
C ARG A 137 7.91 -28.65 -13.62
N ILE A 138 7.31 -27.63 -14.24
CA ILE A 138 7.89 -26.28 -14.29
C ILE A 138 7.91 -25.67 -12.88
N ALA A 139 6.81 -25.78 -12.11
CA ALA A 139 6.73 -25.22 -10.75
C ALA A 139 7.75 -25.85 -9.78
N ALA A 140 7.99 -27.17 -9.91
CA ALA A 140 8.93 -27.91 -9.05
C ALA A 140 10.39 -27.55 -9.37
N GLY A 141 10.64 -27.23 -10.65
CA GLY A 141 11.95 -26.79 -11.13
C GLY A 141 12.24 -25.40 -10.58
N LEU A 142 11.20 -24.54 -10.56
CA LEU A 142 11.28 -23.17 -10.00
C LEU A 142 11.50 -23.23 -8.49
N SER A 143 10.96 -24.27 -7.82
CA SER A 143 11.11 -24.50 -6.37
C SER A 143 12.56 -24.92 -6.03
N GLY A 144 13.11 -25.89 -6.78
CA GLY A 144 14.48 -26.35 -6.62
C GLY A 144 15.50 -25.27 -6.91
N ASP A 145 15.28 -24.49 -8.00
CA ASP A 145 16.17 -23.39 -8.42
C ASP A 145 16.20 -22.26 -7.38
N LEU A 146 15.03 -21.90 -6.82
CA LEU A 146 14.89 -20.89 -5.79
C LEU A 146 15.67 -21.29 -4.54
N GLU A 147 15.51 -22.56 -4.09
CA GLU A 147 16.20 -23.10 -2.93
C GLU A 147 17.72 -23.07 -3.15
N ALA A 148 18.18 -23.39 -4.38
CA ALA A 148 19.60 -23.36 -4.78
C ALA A 148 20.15 -21.92 -4.71
N ALA A 149 19.36 -20.95 -5.19
CA ALA A 149 19.70 -19.52 -5.15
C ALA A 149 19.83 -19.05 -3.70
N ARG A 150 18.94 -19.53 -2.79
CA ARG A 150 18.97 -19.21 -1.35
C ARG A 150 20.23 -19.71 -0.70
N GLN A 151 20.65 -20.95 -1.05
CA GLN A 151 21.86 -21.59 -0.54
C GLN A 151 23.10 -20.82 -0.94
N VAL A 152 23.06 -20.17 -2.13
CA VAL A 152 24.15 -19.33 -2.65
C VAL A 152 24.22 -18.05 -1.80
N HIS A 153 23.04 -17.42 -1.51
CA HIS A 153 22.96 -16.21 -0.67
C HIS A 153 23.49 -16.48 0.74
N GLU A 154 23.07 -17.60 1.38
CA GLU A 154 23.52 -18.00 2.71
C GLU A 154 25.03 -18.20 2.73
N ALA A 155 25.56 -18.96 1.75
CA ALA A 155 27.00 -19.27 1.61
C ALA A 155 27.84 -18.02 1.42
N LEU A 156 27.30 -17.01 0.70
CA LEU A 156 27.95 -15.71 0.45
C LEU A 156 28.00 -14.94 1.77
N LEU A 157 26.90 -14.98 2.54
CA LEU A 157 26.78 -14.35 3.84
C LEU A 157 27.76 -15.01 4.82
N GLU A 158 27.90 -16.34 4.73
CA GLU A 158 28.84 -17.11 5.57
C GLU A 158 30.29 -16.72 5.30
N GLU A 159 30.65 -16.52 4.02
CA GLU A 159 32.00 -16.12 3.61
C GLU A 159 32.34 -14.72 4.12
N ALA A 160 31.34 -13.81 4.07
CA ALA A 160 31.45 -12.41 4.50
C ALA A 160 31.73 -12.29 5.98
N LYS A 161 31.10 -13.16 6.79
CA LYS A 161 31.29 -13.17 8.25
C LYS A 161 32.67 -13.75 8.59
N ASN A 162 33.12 -14.76 7.82
CA ASN A 162 34.41 -15.40 8.03
C ASN A 162 35.62 -14.54 7.62
N ASP A 163 35.45 -13.64 6.62
CA ASP A 163 36.49 -12.72 6.16
C ASP A 163 35.89 -11.32 5.87
N PRO A 164 35.67 -10.47 6.92
CA PRO A 164 35.06 -9.16 6.69
C PRO A 164 35.92 -8.16 5.90
N ALA A 165 37.25 -8.38 5.88
CA ALA A 165 38.19 -7.53 5.15
C ALA A 165 37.97 -7.61 3.63
N ALA A 166 37.67 -8.82 3.12
CA ALA A 166 37.43 -9.13 1.70
C ALA A 166 35.94 -9.03 1.30
N ALA A 167 35.10 -8.42 2.15
CA ALA A 167 33.67 -8.26 1.86
C ALA A 167 33.38 -7.45 0.58
N GLY A 168 34.18 -6.40 0.34
CA GLY A 168 34.10 -5.56 -0.85
C GLY A 168 34.27 -6.34 -2.14
N SER A 169 35.16 -7.36 -2.12
CA SER A 169 35.42 -8.25 -3.25
C SER A 169 34.27 -9.24 -3.53
N LEU A 170 33.37 -9.47 -2.56
CA LEU A 170 32.22 -10.36 -2.71
C LEU A 170 31.09 -9.75 -3.53
N LEU A 171 30.98 -8.40 -3.55
CA LEU A 171 29.95 -7.63 -4.28
C LEU A 171 29.61 -8.18 -5.67
N LEU A 172 30.64 -8.62 -6.42
CA LEU A 172 30.52 -9.19 -7.76
C LEU A 172 29.66 -10.46 -7.75
N ARG A 173 29.90 -11.36 -6.78
CA ARG A 173 29.16 -12.60 -6.64
C ARG A 173 27.74 -12.35 -6.19
N PHE A 174 27.50 -11.24 -5.49
CA PHE A 174 26.15 -10.81 -5.08
C PHE A 174 25.35 -10.32 -6.30
N THR A 175 26.03 -9.61 -7.24
CA THR A 175 25.47 -9.11 -8.51
C THR A 175 25.10 -10.30 -9.43
N GLU A 176 25.96 -11.34 -9.49
CA GLU A 176 25.71 -12.55 -10.27
C GLU A 176 24.45 -13.31 -9.79
N LEU A 177 24.21 -13.30 -8.46
CA LEU A 177 23.04 -13.94 -7.85
C LEU A 177 21.80 -13.11 -8.19
N GLN A 178 21.91 -11.77 -8.22
CA GLN A 178 20.82 -10.89 -8.60
C GLN A 178 20.36 -11.22 -10.03
N THR A 179 21.33 -11.39 -10.96
CA THR A 179 21.07 -11.78 -12.35
C THR A 179 20.35 -13.13 -12.36
N ARG A 180 20.84 -14.10 -11.56
CA ARG A 180 20.25 -15.43 -11.41
C ARG A 180 18.79 -15.38 -10.92
N VAL A 181 18.49 -14.58 -9.86
CA VAL A 181 17.12 -14.45 -9.30
C VAL A 181 16.21 -13.67 -10.25
N ILE A 182 16.76 -12.69 -10.99
CA ILE A 182 16.00 -11.94 -12.02
C ILE A 182 15.56 -12.92 -13.12
N ALA A 183 16.48 -13.80 -13.59
CA ALA A 183 16.18 -14.80 -14.62
C ALA A 183 15.14 -15.83 -14.14
N LEU A 184 15.20 -16.18 -12.83
CA LEU A 184 14.25 -17.11 -12.20
C LEU A 184 12.85 -16.50 -12.17
N LEU A 185 12.74 -15.21 -11.78
CA LEU A 185 11.46 -14.48 -11.70
C LEU A 185 10.88 -14.23 -13.10
N THR A 186 11.74 -14.15 -14.11
CA THR A 186 11.31 -14.02 -15.51
C THR A 186 10.66 -15.36 -15.94
N ARG A 187 11.23 -16.50 -15.50
CA ARG A 187 10.68 -17.83 -15.77
C ARG A 187 9.35 -17.98 -15.01
N VAL A 188 9.27 -17.40 -13.78
CA VAL A 188 8.06 -17.42 -12.95
C VAL A 188 6.96 -16.66 -13.70
N GLY A 189 7.32 -15.52 -14.29
CA GLY A 189 6.44 -14.67 -15.09
C GLY A 189 5.84 -15.40 -16.27
N LEU A 190 6.64 -16.27 -16.96
CA LEU A 190 6.16 -17.06 -18.11
C LEU A 190 5.16 -18.12 -17.67
N LEU A 191 5.40 -18.77 -16.51
CA LEU A 191 4.52 -19.80 -15.95
C LEU A 191 3.15 -19.19 -15.56
N VAL A 192 3.15 -18.05 -14.87
CA VAL A 192 1.96 -17.31 -14.47
C VAL A 192 1.12 -17.00 -15.74
N ASP A 193 1.75 -16.46 -16.81
CA ASP A 193 1.10 -16.16 -18.09
C ASP A 193 0.38 -17.37 -18.63
N ASP A 194 1.06 -18.53 -18.66
CA ASP A 194 0.52 -19.81 -19.11
C ASP A 194 -0.61 -20.31 -18.23
N ILE A 195 -0.51 -20.15 -16.90
CA ILE A 195 -1.59 -20.52 -15.98
C ILE A 195 -2.84 -19.66 -16.33
N LEU A 196 -2.66 -18.32 -16.40
CA LEU A 196 -3.70 -17.34 -16.72
C LEU A 196 -4.27 -17.48 -18.13
N LYS A 197 -3.45 -17.92 -19.13
CA LYS A 197 -3.88 -18.12 -20.51
C LYS A 197 -4.92 -19.22 -20.60
N SER A 198 -4.91 -20.13 -19.60
CA SER A 198 -5.84 -21.26 -19.51
C SER A 198 -6.77 -21.12 -18.30
N ALA A 199 -6.76 -19.93 -17.63
CA ALA A 199 -7.51 -19.58 -16.42
C ALA A 199 -8.99 -20.00 -16.32
N SER A 200 -9.86 -19.50 -17.23
CA SER A 200 -11.30 -19.80 -17.26
C SER A 200 -11.56 -21.29 -17.49
N ASN A 201 -10.69 -21.94 -18.30
CA ASN A 201 -10.75 -23.38 -18.59
C ASN A 201 -10.39 -24.23 -17.37
N LEU A 202 -9.49 -23.71 -16.48
CA LEU A 202 -9.09 -24.38 -15.24
C LEU A 202 -10.20 -24.25 -14.17
N VAL A 203 -11.25 -23.44 -14.47
CA VAL A 203 -12.41 -23.22 -13.62
C VAL A 203 -13.64 -23.84 -14.30
N ASP A 210 -23.46 -25.30 2.05
CA ASP A 210 -22.94 -23.97 2.43
C ASP A 210 -22.90 -22.95 1.28
N GLY A 211 -22.61 -23.42 0.06
CA GLY A 211 -22.52 -22.56 -1.13
C GLY A 211 -21.22 -21.80 -1.25
N LEU A 212 -20.60 -21.49 -0.08
CA LEU A 212 -19.33 -20.76 0.04
C LEU A 212 -18.11 -21.70 0.06
N ASN A 213 -18.30 -22.99 -0.32
CA ASN A 213 -17.23 -23.98 -0.35
C ASN A 213 -16.18 -23.70 -1.41
N ARG A 214 -16.58 -23.12 -2.55
CA ARG A 214 -15.65 -22.78 -3.60
C ARG A 214 -14.66 -21.69 -3.16
N PHE A 215 -15.08 -20.88 -2.16
CA PHE A 215 -14.29 -19.79 -1.57
C PHE A 215 -13.27 -20.29 -0.58
N ARG A 216 -13.49 -21.49 -0.03
CA ARG A 216 -12.54 -22.11 0.87
C ARG A 216 -11.52 -22.90 0.03
N ALA A 217 -12.02 -23.64 -1.00
CA ALA A 217 -11.25 -24.48 -1.92
C ALA A 217 -10.10 -23.78 -2.64
N VAL A 218 -10.23 -22.47 -2.91
CA VAL A 218 -9.19 -21.68 -3.60
C VAL A 218 -7.90 -21.50 -2.75
N PHE A 219 -8.02 -21.70 -1.43
CA PHE A 219 -6.91 -21.53 -0.50
C PHE A 219 -5.92 -22.69 -0.52
N GLY A 220 -6.43 -23.91 -0.65
CA GLY A 220 -5.61 -25.12 -0.62
C GLY A 220 -5.03 -25.37 0.76
N THR A 221 -3.70 -25.41 0.85
CA THR A 221 -2.96 -25.64 2.10
C THR A 221 -2.92 -24.36 2.97
N LEU A 222 -3.30 -23.21 2.40
CA LEU A 222 -3.28 -21.93 3.11
C LEU A 222 -4.44 -21.90 4.08
N ARG A 223 -4.20 -21.42 5.31
CA ARG A 223 -5.32 -21.33 6.23
C ARG A 223 -6.15 -20.10 5.97
N LEU A 224 -7.47 -20.22 6.17
CA LEU A 224 -8.40 -19.12 5.94
C LEU A 224 -8.11 -17.98 6.92
N PRO A 225 -8.29 -16.71 6.51
CA PRO A 225 -8.08 -15.60 7.44
C PRO A 225 -9.11 -15.59 8.60
N GLU A 226 -8.88 -14.75 9.62
CA GLU A 226 -9.76 -14.63 10.80
C GLU A 226 -11.18 -14.20 10.42
N VAL A 227 -11.29 -13.30 9.41
CA VAL A 227 -12.54 -12.76 8.86
C VAL A 227 -13.55 -13.82 8.40
N ALA A 228 -13.07 -14.96 7.86
CA ALA A 228 -13.90 -16.07 7.35
C ALA A 228 -14.88 -16.65 8.37
N ASP A 229 -14.59 -16.48 9.68
CA ASP A 229 -15.45 -16.95 10.78
C ASP A 229 -16.28 -15.82 11.40
N SER A 230 -15.76 -14.58 11.36
CA SER A 230 -16.39 -13.43 12.01
C SER A 230 -17.14 -12.43 11.09
N PHE A 231 -17.02 -12.54 9.76
CA PHE A 231 -17.56 -11.56 8.80
C PHE A 231 -19.03 -11.19 8.85
N ARG A 232 -19.91 -12.17 9.18
CA ARG A 232 -21.36 -11.99 9.27
CA ARG A 232 -21.36 -11.99 9.27
C ARG A 232 -21.78 -11.19 10.52
N ASP A 233 -20.89 -11.08 11.52
CA ASP A 233 -21.13 -10.37 12.78
C ASP A 233 -21.13 -8.85 12.53
N ASP A 234 -22.21 -8.17 12.97
CA ASP A 234 -22.45 -6.73 12.84
C ASP A 234 -21.36 -5.85 13.42
N GLU A 235 -20.83 -6.22 14.59
CA GLU A 235 -19.78 -5.48 15.28
C GLU A 235 -18.48 -5.58 14.54
N ALA A 236 -18.14 -6.80 14.07
CA ALA A 236 -16.95 -7.07 13.26
C ALA A 236 -16.99 -6.18 12.02
N PHE A 237 -18.15 -6.13 11.32
CA PHE A 237 -18.39 -5.30 10.13
C PHE A 237 -18.11 -3.83 10.42
N ALA A 238 -18.66 -3.29 11.53
CA ALA A 238 -18.43 -1.90 11.94
C ALA A 238 -16.95 -1.67 12.28
N TYR A 239 -16.29 -2.67 12.90
CA TYR A 239 -14.87 -2.58 13.28
C TYR A 239 -13.91 -2.40 12.10
N TRP A 240 -14.35 -2.72 10.85
CA TRP A 240 -13.55 -2.53 9.64
C TRP A 240 -13.28 -1.04 9.41
N ARG A 241 -14.20 -0.17 9.84
CA ARG A 241 -14.13 1.27 9.66
C ARG A 241 -13.03 1.91 10.49
N VAL A 242 -12.62 1.27 11.58
CA VAL A 242 -11.57 1.82 12.45
C VAL A 242 -10.28 1.01 12.51
N ALA A 243 -10.34 -0.30 12.17
CA ALA A 243 -9.15 -1.16 12.26
C ALA A 243 -8.92 -2.03 11.02
N GLY A 244 -9.63 -1.72 9.94
CA GLY A 244 -9.49 -2.47 8.70
C GLY A 244 -8.48 -1.83 7.77
N PRO A 245 -8.44 -2.29 6.50
CA PRO A 245 -7.47 -1.73 5.54
C PRO A 245 -7.77 -0.29 5.12
N ASN A 246 -9.04 0.17 5.26
CA ASN A 246 -9.40 1.55 4.95
C ASN A 246 -9.93 2.30 6.20
N PRO A 247 -9.03 2.84 7.03
CA PRO A 247 -9.47 3.57 8.25
C PRO A 247 -9.60 5.09 8.02
N LEU A 248 -9.59 5.52 6.74
CA LEU A 248 -9.54 6.91 6.34
C LEU A 248 -10.83 7.56 5.96
N LEU A 249 -11.84 6.78 5.59
CA LEU A 249 -13.11 7.29 5.07
C LEU A 249 -14.14 7.62 6.12
N ILE A 250 -14.19 6.84 7.25
CA ILE A 250 -15.15 7.07 8.35
C ILE A 250 -15.01 8.49 8.87
N ARG A 251 -16.15 9.17 9.15
CA ARG A 251 -16.14 10.52 9.69
C ARG A 251 -17.26 10.70 10.66
N ARG A 252 -17.13 11.69 11.57
CA ARG A 252 -18.21 12.03 12.49
C ARG A 252 -19.28 12.78 11.69
N VAL A 253 -20.57 12.51 11.99
CA VAL A 253 -21.69 13.17 11.33
C VAL A 253 -22.52 13.94 12.36
N ASP A 254 -22.62 15.27 12.18
CA ASP A 254 -23.33 16.17 13.09
C ASP A 254 -24.79 16.39 12.71
N ALA A 255 -25.08 16.31 11.41
CA ALA A 255 -26.41 16.40 10.82
C ALA A 255 -26.37 15.52 9.59
N LEU A 256 -27.31 14.56 9.48
CA LEU A 256 -27.34 13.62 8.36
C LEU A 256 -27.52 14.31 7.02
N PRO A 257 -26.87 13.84 5.93
CA PRO A 257 -27.07 14.51 4.63
C PRO A 257 -28.50 14.35 4.11
N ALA A 258 -28.94 15.31 3.27
CA ALA A 258 -30.27 15.32 2.67
C ALA A 258 -30.56 14.09 1.81
N ASN A 259 -29.52 13.43 1.28
CA ASN A 259 -29.67 12.23 0.45
C ASN A 259 -29.63 10.91 1.26
N PHE A 260 -29.70 11.00 2.60
CA PHE A 260 -29.73 9.84 3.50
C PHE A 260 -30.86 10.08 4.52
N PRO A 261 -32.14 9.89 4.10
CA PRO A 261 -33.26 10.22 5.00
C PRO A 261 -33.65 9.17 6.03
N LEU A 262 -32.76 8.92 7.00
CA LEU A 262 -33.08 8.01 8.10
C LEU A 262 -33.79 8.85 9.15
N GLY A 263 -34.97 8.39 9.54
CA GLY A 263 -35.83 9.07 10.51
C GLY A 263 -35.58 8.68 11.95
N GLU A 264 -36.16 9.45 12.89
CA GLU A 264 -36.05 9.24 14.33
C GLU A 264 -36.52 7.86 14.76
N GLU A 265 -37.73 7.47 14.36
CA GLU A 265 -38.33 6.16 14.65
C GLU A 265 -37.44 4.97 14.20
N GLN A 266 -36.83 5.08 13.00
CA GLN A 266 -35.94 4.05 12.47
C GLN A 266 -34.68 3.93 13.33
N PHE A 267 -34.12 5.07 13.76
CA PHE A 267 -32.93 5.14 14.60
C PHE A 267 -33.17 4.48 15.97
N ARG A 268 -34.26 4.89 16.67
CA ARG A 268 -34.67 4.38 17.98
C ARG A 268 -34.93 2.87 17.97
N ARG A 269 -35.47 2.34 16.85
CA ARG A 269 -35.71 0.91 16.63
C ARG A 269 -34.41 0.09 16.70
N VAL A 270 -33.28 0.68 16.25
CA VAL A 270 -31.97 0.02 16.31
C VAL A 270 -31.31 0.36 17.64
N MET A 271 -31.30 1.67 18.00
CA MET A 271 -30.60 2.24 19.15
C MET A 271 -31.31 2.26 20.51
N GLY A 272 -32.45 1.58 20.63
CA GLY A 272 -33.20 1.55 21.89
C GLY A 272 -34.15 2.71 22.02
N ALA A 273 -35.32 2.48 22.67
CA ALA A 273 -36.39 3.48 22.85
C ALA A 273 -35.98 4.83 23.49
N ASP A 274 -34.83 4.86 24.20
CA ASP A 274 -34.34 6.07 24.88
C ASP A 274 -33.19 6.84 24.20
N ASP A 275 -32.86 6.47 22.95
CA ASP A 275 -31.83 7.18 22.18
C ASP A 275 -32.54 8.04 21.11
N SER A 276 -31.82 9.01 20.52
CA SER A 276 -32.32 9.93 19.50
C SER A 276 -31.18 10.35 18.57
N LEU A 277 -31.50 10.62 17.30
CA LEU A 277 -30.58 11.06 16.25
C LEU A 277 -29.94 12.39 16.61
N LEU A 278 -30.73 13.34 17.11
CA LEU A 278 -30.28 14.68 17.50
C LEU A 278 -29.28 14.65 18.66
N GLU A 279 -29.55 13.83 19.70
CA GLU A 279 -28.65 13.72 20.85
C GLU A 279 -27.40 12.93 20.55
N ALA A 280 -27.49 11.89 19.71
CA ALA A 280 -26.33 11.09 19.33
C ALA A 280 -25.36 11.95 18.51
N ALA A 281 -25.92 12.90 17.71
CA ALA A 281 -25.16 13.84 16.89
C ALA A 281 -24.43 14.88 17.75
N ALA A 282 -25.15 15.46 18.74
CA ALA A 282 -24.61 16.45 19.68
C ALA A 282 -23.58 15.80 20.62
N SER A 283 -23.83 14.53 21.02
CA SER A 283 -22.94 13.78 21.91
C SER A 283 -21.81 13.08 21.12
N ARG A 284 -21.59 13.48 19.85
CA ARG A 284 -20.52 13.00 18.96
C ARG A 284 -20.43 11.45 18.94
N ARG A 285 -21.58 10.82 18.68
CA ARG A 285 -21.76 9.36 18.67
C ARG A 285 -22.15 8.79 17.30
N LEU A 286 -22.37 9.66 16.28
CA LEU A 286 -22.79 9.25 14.93
C LEU A 286 -21.67 9.35 13.91
N TYR A 287 -21.43 8.25 13.16
CA TYR A 287 -20.34 8.15 12.17
C TYR A 287 -20.82 7.61 10.84
N LEU A 288 -20.39 8.26 9.73
CA LEU A 288 -20.86 7.97 8.38
C LEU A 288 -19.78 7.53 7.39
N LEU A 289 -20.11 6.49 6.60
CA LEU A 289 -19.27 6.00 5.51
C LEU A 289 -20.01 6.43 4.24
N ASP A 290 -19.46 7.36 3.48
CA ASP A 290 -20.05 7.79 2.22
C ASP A 290 -19.05 7.54 1.09
N TYR A 291 -19.42 6.66 0.16
CA TYR A 291 -18.59 6.25 -0.97
C TYR A 291 -18.81 7.07 -2.25
N ALA A 292 -19.39 8.27 -2.15
CA ALA A 292 -19.66 9.18 -3.28
C ALA A 292 -18.46 9.36 -4.22
N GLU A 293 -17.25 9.49 -3.65
CA GLU A 293 -15.99 9.71 -4.36
C GLU A 293 -15.54 8.62 -5.29
N LEU A 294 -16.14 7.42 -5.19
CA LEU A 294 -15.84 6.29 -6.05
C LEU A 294 -16.08 6.60 -7.52
N GLY A 295 -17.06 7.45 -7.80
CA GLY A 295 -17.41 7.85 -9.14
C GLY A 295 -17.62 6.65 -10.04
N LYS A 296 -16.80 6.54 -11.09
CA LYS A 296 -16.89 5.46 -12.09
C LYS A 296 -16.51 4.06 -11.61
N LEU A 297 -15.95 3.94 -10.39
CA LEU A 297 -15.63 2.66 -9.79
C LEU A 297 -16.89 1.99 -9.27
N ALA A 298 -17.97 2.76 -9.25
CA ALA A 298 -19.30 2.32 -8.87
C ALA A 298 -20.17 2.52 -10.11
N PRO A 299 -20.19 1.58 -11.07
CA PRO A 299 -21.00 1.78 -12.28
C PRO A 299 -22.48 1.83 -11.98
N SER A 300 -23.23 2.59 -12.80
CA SER A 300 -24.67 2.79 -12.64
C SER A 300 -25.50 1.49 -12.66
N GLY A 301 -25.04 0.51 -13.41
CA GLY A 301 -25.71 -0.79 -13.50
C GLY A 301 -24.74 -1.90 -13.78
N ALA A 302 -25.23 -2.94 -14.44
CA ALA A 302 -24.50 -4.14 -14.86
C ALA A 302 -23.30 -3.83 -15.78
N VAL A 303 -22.16 -4.52 -15.54
CA VAL A 303 -20.98 -4.43 -16.39
C VAL A 303 -20.60 -5.86 -16.72
N ASP A 304 -20.93 -6.28 -17.94
CA ASP A 304 -20.69 -7.60 -18.50
C ASP A 304 -19.32 -7.68 -19.08
N LYS A 305 -18.55 -8.65 -18.64
CA LYS A 305 -17.20 -8.89 -19.12
C LYS A 305 -17.07 -10.33 -19.53
N LEU A 306 -16.18 -10.59 -20.48
CA LEU A 306 -15.88 -11.91 -21.04
C LEU A 306 -15.45 -12.93 -19.96
N LEU A 307 -14.39 -12.63 -19.19
CA LEU A 307 -13.84 -13.52 -18.17
C LEU A 307 -14.69 -13.75 -16.93
N THR A 308 -15.41 -12.71 -16.48
CA THR A 308 -16.15 -12.71 -15.21
C THR A 308 -17.66 -12.60 -15.26
N GLY A 309 -18.25 -12.53 -16.45
CA GLY A 309 -19.70 -12.38 -16.56
C GLY A 309 -20.17 -10.99 -16.13
N THR A 310 -21.38 -10.92 -15.58
CA THR A 310 -22.00 -9.67 -15.13
C THR A 310 -21.55 -9.29 -13.73
N GLY A 311 -21.02 -8.07 -13.62
CA GLY A 311 -20.49 -7.52 -12.39
C GLY A 311 -21.14 -6.21 -12.00
N PHE A 312 -21.23 -6.00 -10.69
CA PHE A 312 -21.81 -4.81 -10.07
C PHE A 312 -20.87 -4.27 -8.98
N ALA A 313 -20.81 -2.95 -8.84
CA ALA A 313 -20.12 -2.25 -7.77
C ALA A 313 -20.99 -1.06 -7.38
N TYR A 314 -20.77 -0.49 -6.20
CA TYR A 314 -21.70 0.50 -5.66
C TYR A 314 -21.05 1.70 -4.99
N ALA A 315 -21.82 2.77 -4.76
CA ALA A 315 -21.41 3.97 -4.01
C ALA A 315 -22.44 4.15 -2.89
N PRO A 316 -22.41 3.29 -1.84
CA PRO A 316 -23.41 3.37 -0.78
C PRO A 316 -23.17 4.43 0.28
N ILE A 317 -24.15 4.64 1.16
CA ILE A 317 -24.02 5.52 2.33
C ILE A 317 -24.35 4.65 3.54
N ALA A 318 -23.51 4.67 4.59
CA ALA A 318 -23.78 3.86 5.78
C ALA A 318 -23.63 4.63 7.06
N LEU A 319 -24.57 4.45 7.99
CA LEU A 319 -24.55 5.10 9.28
C LEU A 319 -24.16 4.12 10.36
N PHE A 320 -23.23 4.55 11.20
CA PHE A 320 -22.71 3.82 12.34
C PHE A 320 -22.92 4.69 13.57
N ALA A 321 -23.14 4.05 14.72
CA ALA A 321 -23.32 4.75 15.99
C ALA A 321 -22.66 4.07 17.18
N LEU A 322 -22.23 4.88 18.15
CA LEU A 322 -21.75 4.42 19.44
C LEU A 322 -22.94 4.43 20.37
N GLY A 323 -22.99 3.47 21.29
CA GLY A 323 -24.00 3.43 22.34
C GLY A 323 -23.68 4.55 23.32
N LYS A 324 -24.48 4.69 24.37
CA LYS A 324 -24.21 5.75 25.35
C LYS A 324 -22.89 5.53 26.10
N ASP A 325 -22.57 4.24 26.34
CA ASP A 325 -21.36 3.74 27.01
C ASP A 325 -20.13 3.75 26.10
N ARG A 326 -20.32 3.98 24.79
CA ARG A 326 -19.27 4.03 23.76
C ARG A 326 -18.40 2.74 23.69
N ALA A 327 -19.01 1.57 24.00
CA ALA A 327 -18.35 0.25 24.02
C ALA A 327 -17.78 -0.13 22.68
N GLY A 328 -18.64 -0.20 21.67
CA GLY A 328 -18.24 -0.55 20.31
C GLY A 328 -19.08 0.17 19.27
N LEU A 329 -18.53 0.33 18.07
CA LEU A 329 -19.22 0.96 16.94
C LEU A 329 -20.21 -0.04 16.39
N LEU A 330 -21.47 0.38 16.18
CA LEU A 330 -22.51 -0.51 15.68
C LEU A 330 -23.07 -0.04 14.34
N PRO A 331 -23.36 -0.94 13.38
CA PRO A 331 -23.97 -0.49 12.12
C PRO A 331 -25.46 -0.19 12.32
N VAL A 332 -25.92 1.03 11.98
CA VAL A 332 -27.33 1.39 12.17
C VAL A 332 -28.17 1.24 10.91
N ALA A 333 -27.68 1.82 9.80
CA ALA A 333 -28.46 1.85 8.56
C ALA A 333 -27.58 1.91 7.33
N ILE A 334 -28.05 1.31 6.23
CA ILE A 334 -27.31 1.31 4.95
C ILE A 334 -28.26 1.64 3.80
N GLN A 335 -27.84 2.56 2.93
CA GLN A 335 -28.54 2.90 1.70
C GLN A 335 -27.54 2.43 0.62
N CYS A 336 -27.97 1.58 -0.33
CA CYS A 336 -27.05 1.00 -1.32
C CYS A 336 -26.58 1.92 -2.45
N GLY A 337 -26.92 3.20 -2.38
CA GLY A 337 -26.50 4.18 -3.37
C GLY A 337 -26.71 5.63 -2.96
N GLN A 338 -26.32 6.56 -3.85
CA GLN A 338 -26.39 8.01 -3.60
C GLN A 338 -27.79 8.58 -3.61
N ASP A 339 -28.67 8.07 -4.51
CA ASP A 339 -30.06 8.52 -4.67
C ASP A 339 -31.06 7.75 -3.77
N PRO A 340 -31.61 8.39 -2.70
CA PRO A 340 -32.57 7.70 -1.83
C PRO A 340 -33.90 7.30 -2.48
N ALA A 341 -34.27 7.97 -3.58
CA ALA A 341 -35.50 7.69 -4.35
C ALA A 341 -35.45 6.32 -4.97
N THR A 342 -34.23 5.87 -5.38
CA THR A 342 -34.01 4.59 -6.05
C THR A 342 -33.28 3.56 -5.18
N HIS A 343 -33.01 3.89 -3.91
CA HIS A 343 -32.30 3.01 -2.99
C HIS A 343 -32.96 2.97 -1.65
N PRO A 344 -33.70 1.88 -1.34
CA PRO A 344 -34.41 1.82 -0.03
C PRO A 344 -33.45 1.87 1.16
N MET A 345 -33.97 2.32 2.30
CA MET A 345 -33.16 2.43 3.51
C MET A 345 -33.18 1.08 4.23
N PHE A 346 -32.00 0.48 4.39
CA PHE A 346 -31.81 -0.81 5.07
C PHE A 346 -31.41 -0.50 6.50
N VAL A 347 -32.16 -1.05 7.46
CA VAL A 347 -31.97 -0.79 8.89
C VAL A 347 -31.52 -2.06 9.64
N ARG A 348 -30.61 -1.93 10.62
CA ARG A 348 -30.10 -3.07 11.39
C ARG A 348 -31.25 -3.89 12.01
N PRO A 349 -31.42 -5.19 11.66
CA PRO A 349 -32.53 -5.97 12.22
C PRO A 349 -32.19 -6.67 13.52
N ALA A 350 -33.24 -7.05 14.26
CA ALA A 350 -33.14 -7.79 15.52
C ALA A 350 -32.89 -9.27 15.18
N GLU A 351 -32.38 -10.05 16.16
CA GLU A 351 -32.13 -11.49 16.05
C GLU A 351 -33.40 -12.24 15.65
N SER A 352 -34.57 -11.68 16.00
CA SER A 352 -35.89 -12.22 15.74
C SER A 352 -36.45 -11.80 14.37
N GLU A 353 -36.00 -10.65 13.82
CA GLU A 353 -36.49 -10.13 12.52
C GLU A 353 -35.92 -10.93 11.33
N SER A 354 -36.32 -12.22 11.26
CA SER A 354 -35.93 -13.23 10.28
C SER A 354 -36.12 -12.80 8.80
N ASP A 355 -37.22 -12.09 8.51
CA ASP A 355 -37.61 -11.60 7.19
C ASP A 355 -36.73 -10.44 6.68
N LEU A 356 -35.97 -9.79 7.58
CA LEU A 356 -35.06 -8.69 7.26
C LEU A 356 -33.57 -9.11 7.30
N TYR A 357 -33.30 -10.35 7.79
CA TYR A 357 -31.95 -10.88 7.94
C TYR A 357 -31.08 -10.82 6.68
N TRP A 358 -31.54 -11.47 5.60
CA TRP A 358 -30.81 -11.55 4.33
C TRP A 358 -30.59 -10.25 3.58
N GLY A 359 -31.61 -9.38 3.59
CA GLY A 359 -31.52 -8.04 3.01
C GLY A 359 -30.39 -7.27 3.65
N TRP A 360 -30.25 -7.41 5.01
CA TRP A 360 -29.18 -6.80 5.80
C TRP A 360 -27.80 -7.34 5.42
N GLN A 361 -27.65 -8.68 5.24
CA GLN A 361 -26.35 -9.25 4.84
C GLN A 361 -25.96 -8.77 3.43
N MET A 362 -26.97 -8.58 2.57
CA MET A 362 -26.77 -8.10 1.20
C MET A 362 -26.32 -6.62 1.23
N ALA A 363 -26.98 -5.79 2.05
CA ALA A 363 -26.63 -4.37 2.21
C ALA A 363 -25.20 -4.21 2.76
N LYS A 364 -24.79 -5.09 3.71
CA LYS A 364 -23.43 -5.07 4.26
C LYS A 364 -22.44 -5.54 3.18
N THR A 365 -22.86 -6.50 2.30
CA THR A 365 -22.04 -6.96 1.18
C THR A 365 -21.80 -5.80 0.18
N VAL A 366 -22.83 -4.98 -0.06
CA VAL A 366 -22.71 -3.77 -0.89
C VAL A 366 -21.62 -2.82 -0.34
N VAL A 367 -21.57 -2.59 1.00
CA VAL A 367 -20.57 -1.71 1.62
C VAL A 367 -19.14 -2.27 1.42
N GLN A 368 -18.98 -3.59 1.60
CA GLN A 368 -17.71 -4.28 1.46
C GLN A 368 -17.18 -4.27 0.02
N VAL A 369 -18.09 -4.34 -0.98
CA VAL A 369 -17.79 -4.24 -2.39
C VAL A 369 -17.24 -2.83 -2.66
N ALA A 370 -17.95 -1.80 -2.17
CA ALA A 370 -17.54 -0.40 -2.28
C ALA A 370 -16.19 -0.19 -1.60
N GLU A 371 -15.99 -0.89 -0.46
CA GLU A 371 -14.78 -0.83 0.36
C GLU A 371 -13.53 -1.30 -0.36
N GLU A 372 -13.55 -2.50 -1.00
CA GLU A 372 -12.36 -2.99 -1.71
C GLU A 372 -11.94 -2.03 -2.85
N ASN A 373 -12.94 -1.45 -3.54
CA ASN A 373 -12.75 -0.48 -4.62
C ASN A 373 -12.12 0.80 -4.09
N TYR A 374 -12.65 1.33 -2.96
CA TYR A 374 -12.15 2.55 -2.36
C TYR A 374 -10.76 2.30 -1.72
N HIS A 375 -10.63 1.21 -0.94
CA HIS A 375 -9.35 0.88 -0.32
C HIS A 375 -8.25 0.65 -1.35
N GLU A 376 -8.48 -0.31 -2.28
CA GLU A 376 -7.41 -0.66 -3.22
C GLU A 376 -6.99 0.42 -4.18
N MET A 377 -7.95 1.10 -4.79
CA MET A 377 -7.68 2.09 -5.83
C MET A 377 -7.24 3.45 -5.32
N PHE A 378 -7.79 3.89 -4.19
CA PHE A 378 -7.50 5.21 -3.62
C PHE A 378 -6.48 5.16 -2.47
N VAL A 379 -6.89 4.61 -1.32
CA VAL A 379 -6.13 4.49 -0.08
C VAL A 379 -4.78 3.78 -0.29
N HIS A 380 -4.79 2.61 -0.97
CA HIS A 380 -3.55 1.88 -1.23
C HIS A 380 -2.87 2.39 -2.51
N LEU A 381 -3.43 2.14 -3.71
CA LEU A 381 -2.81 2.53 -4.98
C LEU A 381 -2.52 4.00 -5.18
N ALA A 382 -3.58 4.85 -5.20
CA ALA A 382 -3.36 6.27 -5.47
C ALA A 382 -2.60 7.04 -4.40
N GLN A 383 -2.91 6.79 -3.11
CA GLN A 383 -2.42 7.56 -1.98
C GLN A 383 -1.13 7.15 -1.33
N THR A 384 -0.64 5.93 -1.61
CA THR A 384 0.67 5.53 -1.06
C THR A 384 1.58 5.40 -2.27
N HIS A 385 1.53 4.24 -2.96
CA HIS A 385 2.28 3.92 -4.16
C HIS A 385 2.52 5.08 -5.14
N LEU A 386 1.43 5.64 -5.69
CA LEU A 386 1.52 6.70 -6.69
C LEU A 386 1.96 8.03 -6.21
N VAL A 387 1.86 8.30 -4.89
CA VAL A 387 2.33 9.55 -4.31
C VAL A 387 3.87 9.44 -4.17
N SER A 388 4.33 8.33 -3.53
CA SER A 388 5.76 8.02 -3.32
C SER A 388 6.54 7.92 -4.64
N GLU A 389 5.84 7.58 -5.75
CA GLU A 389 6.43 7.53 -7.09
C GLU A 389 6.99 8.92 -7.42
N ALA A 390 6.16 9.97 -7.22
CA ALA A 390 6.47 11.38 -7.47
C ALA A 390 7.64 11.90 -6.63
N PHE A 391 7.64 11.59 -5.33
CA PHE A 391 8.68 12.00 -4.39
C PHE A 391 10.02 11.30 -4.65
N CYS A 392 9.99 10.04 -5.12
CA CYS A 392 11.19 9.30 -5.50
C CYS A 392 11.85 10.00 -6.68
N LEU A 393 11.06 10.26 -7.75
CA LEU A 393 11.55 10.91 -8.97
C LEU A 393 12.10 12.29 -8.71
N ALA A 394 11.36 13.11 -7.95
CA ALA A 394 11.81 14.46 -7.57
C ALA A 394 13.11 14.43 -6.79
N THR A 395 13.25 13.50 -5.80
CA THR A 395 14.46 13.36 -4.98
C THR A 395 15.68 13.09 -5.82
N GLN A 396 15.58 12.08 -6.71
CA GLN A 396 16.67 11.66 -7.58
C GLN A 396 17.10 12.66 -8.64
N ARG A 397 16.15 13.48 -9.13
CA ARG A 397 16.38 14.48 -10.19
C ARG A 397 16.95 15.82 -9.71
N THR A 398 16.58 16.25 -8.47
CA THR A 398 16.94 17.55 -7.91
C THR A 398 17.78 17.58 -6.62
N LEU A 399 17.75 16.52 -5.80
CA LEU A 399 18.55 16.50 -4.58
C LEU A 399 19.80 15.66 -4.83
N ALA A 400 20.99 16.29 -4.81
CA ALA A 400 22.25 15.59 -5.08
C ALA A 400 22.45 14.38 -4.15
N PRO A 401 23.16 13.32 -4.56
CA PRO A 401 23.37 12.17 -3.64
C PRO A 401 24.06 12.56 -2.34
N SER A 402 24.82 13.68 -2.36
CA SER A 402 25.53 14.26 -1.21
C SER A 402 24.62 15.19 -0.42
N HIS A 403 23.40 15.46 -0.92
CA HIS A 403 22.46 16.30 -0.18
C HIS A 403 21.94 15.52 1.04
N PRO A 404 21.97 16.05 2.27
CA PRO A 404 21.48 15.26 3.42
C PRO A 404 20.02 14.80 3.32
N LEU A 405 19.16 15.56 2.59
CA LEU A 405 17.76 15.16 2.37
C LEU A 405 17.64 13.97 1.42
N HIS A 406 18.60 13.87 0.46
CA HIS A 406 18.68 12.71 -0.42
C HIS A 406 19.09 11.48 0.42
N VAL A 407 20.12 11.62 1.29
CA VAL A 407 20.62 10.55 2.16
C VAL A 407 19.47 10.05 3.04
N LEU A 408 18.70 10.98 3.62
CA LEU A 408 17.54 10.65 4.45
C LEU A 408 16.40 9.99 3.68
N LEU A 409 16.04 10.52 2.50
CA LEU A 409 14.90 10.03 1.73
C LEU A 409 15.07 8.79 0.90
N ALA A 410 16.27 8.57 0.31
CA ALA A 410 16.51 7.44 -0.59
C ALA A 410 16.11 6.07 0.00
N PRO A 411 16.38 5.74 1.29
CA PRO A 411 15.93 4.43 1.81
C PRO A 411 14.39 4.26 1.79
N HIS A 412 13.67 5.39 1.81
CA HIS A 412 12.21 5.43 1.83
C HIS A 412 11.59 5.27 0.46
N PHE A 413 12.42 5.17 -0.61
CA PHE A 413 11.94 4.97 -1.97
C PHE A 413 12.48 3.70 -2.59
N GLU A 414 13.22 2.91 -1.80
CA GLU A 414 13.77 1.65 -2.28
C GLU A 414 12.64 0.75 -2.87
N GLY A 415 12.83 0.32 -4.12
CA GLY A 415 11.93 -0.56 -4.85
C GLY A 415 10.59 0.04 -5.30
N THR A 416 10.37 1.32 -4.99
CA THR A 416 9.12 2.02 -5.31
C THR A 416 8.87 2.14 -6.81
N LEU A 417 9.87 2.60 -7.58
CA LEU A 417 9.68 2.76 -9.03
C LEU A 417 9.38 1.41 -9.67
N PHE A 418 10.13 0.37 -9.27
CA PHE A 418 9.92 -0.98 -9.80
C PHE A 418 8.54 -1.51 -9.50
N ILE A 419 8.09 -1.43 -8.22
CA ILE A 419 6.78 -1.96 -7.84
C ILE A 419 5.63 -1.23 -8.56
N ASN A 420 5.79 0.10 -8.81
CA ASN A 420 4.75 0.87 -9.50
C ASN A 420 4.67 0.51 -10.98
N GLU A 421 5.85 0.24 -11.62
CA GLU A 421 5.88 -0.22 -13.02
C GLU A 421 5.16 -1.60 -13.12
N GLY A 422 5.33 -2.43 -12.09
CA GLY A 422 4.66 -3.74 -11.99
C GLY A 422 3.16 -3.59 -11.85
N ALA A 423 2.70 -2.62 -11.03
CA ALA A 423 1.25 -2.36 -10.92
C ALA A 423 0.66 -2.01 -12.29
N ALA A 424 1.33 -1.08 -13.02
CA ALA A 424 0.87 -0.62 -14.33
C ALA A 424 0.95 -1.69 -15.43
N ARG A 425 2.08 -2.40 -15.55
CA ARG A 425 2.26 -3.40 -16.62
C ARG A 425 1.66 -4.76 -16.31
N ILE A 426 1.71 -5.20 -15.05
CA ILE A 426 1.23 -6.52 -14.69
C ILE A 426 -0.21 -6.49 -14.13
N LEU A 427 -0.54 -5.52 -13.24
CA LEU A 427 -1.87 -5.55 -12.63
C LEU A 427 -2.98 -4.79 -13.36
N LEU A 428 -2.63 -3.68 -14.02
CA LEU A 428 -3.58 -2.80 -14.69
C LEU A 428 -3.96 -3.03 -16.18
N PRO A 429 -3.38 -4.00 -16.96
CA PRO A 429 -3.82 -4.15 -18.35
C PRO A 429 -5.18 -4.84 -18.49
N SER A 430 -5.75 -4.84 -19.70
CA SER A 430 -7.02 -5.54 -19.95
C SER A 430 -6.81 -7.03 -19.66
N ALA A 431 -7.84 -7.71 -19.10
CA ALA A 431 -7.82 -9.13 -18.71
C ALA A 431 -6.88 -9.44 -17.52
N GLY A 432 -6.25 -8.38 -16.99
CA GLY A 432 -5.38 -8.47 -15.82
C GLY A 432 -6.16 -8.69 -14.54
N PHE A 433 -5.41 -8.81 -13.43
CA PHE A 433 -5.96 -9.04 -12.10
C PHE A 433 -6.99 -8.01 -11.72
N ILE A 434 -6.73 -6.72 -11.99
CA ILE A 434 -7.66 -5.67 -11.59
C ILE A 434 -8.91 -5.66 -12.47
N ASP A 435 -8.75 -6.00 -13.75
CA ASP A 435 -9.89 -6.11 -14.68
C ASP A 435 -10.82 -7.25 -14.24
N VAL A 436 -10.24 -8.34 -13.71
CA VAL A 436 -11.01 -9.51 -13.24
C VAL A 436 -11.67 -9.20 -11.88
N MET A 437 -10.89 -8.69 -10.95
CA MET A 437 -11.30 -8.44 -9.55
C MET A 437 -12.20 -7.27 -9.23
N PHE A 438 -12.15 -6.20 -10.04
CA PHE A 438 -12.90 -4.94 -9.83
C PHE A 438 -13.95 -4.77 -10.93
N ALA A 439 -15.22 -4.65 -10.54
CA ALA A 439 -16.36 -4.57 -11.47
C ALA A 439 -16.27 -3.60 -12.64
N ALA A 440 -15.89 -2.33 -12.40
CA ALA A 440 -15.84 -1.28 -13.44
C ALA A 440 -15.07 -1.67 -14.71
N PRO A 441 -15.39 -1.10 -15.90
CA PRO A 441 -14.55 -1.38 -17.08
C PRO A 441 -13.10 -0.95 -16.77
N ILE A 442 -12.10 -1.74 -17.22
CA ILE A 442 -10.67 -1.46 -16.91
C ILE A 442 -10.19 -0.01 -17.18
N GLN A 443 -10.75 0.65 -18.23
CA GLN A 443 -10.41 2.05 -18.55
C GLN A 443 -10.95 2.99 -17.47
N ASP A 444 -12.17 2.70 -16.94
CA ASP A 444 -12.79 3.47 -15.86
C ASP A 444 -11.99 3.34 -14.56
N THR A 445 -11.49 2.11 -14.26
CA THR A 445 -10.66 1.86 -13.08
C THR A 445 -9.37 2.69 -13.16
N GLN A 446 -8.64 2.65 -14.31
CA GLN A 446 -7.39 3.42 -14.50
C GLN A 446 -7.63 4.91 -14.36
N ALA A 447 -8.65 5.44 -15.03
CA ALA A 447 -8.95 6.86 -15.00
C ALA A 447 -9.41 7.35 -13.61
N THR A 448 -10.14 6.51 -12.86
CA THR A 448 -10.62 6.88 -11.52
C THR A 448 -9.49 6.85 -10.50
N ALA A 449 -8.67 5.77 -10.50
CA ALA A 449 -7.54 5.66 -9.60
C ALA A 449 -6.59 6.85 -9.88
N GLY A 450 -6.36 7.12 -11.17
CA GLY A 450 -5.51 8.22 -11.63
C GLY A 450 -6.00 9.59 -11.23
N GLY A 451 -7.31 9.81 -11.36
CA GLY A 451 -7.97 11.06 -11.01
C GLY A 451 -7.87 11.35 -9.52
N ASN A 452 -8.02 10.29 -8.69
CA ASN A 452 -7.95 10.36 -7.23
C ASN A 452 -6.53 10.78 -6.80
N ARG A 453 -5.51 10.18 -7.42
CA ARG A 453 -4.11 10.51 -7.14
C ARG A 453 -3.83 11.99 -7.46
N LEU A 454 -4.32 12.50 -8.60
CA LEU A 454 -4.10 13.91 -8.97
C LEU A 454 -4.84 14.88 -8.05
N GLY A 455 -5.95 14.44 -7.46
CA GLY A 455 -6.74 15.25 -6.54
C GLY A 455 -6.27 15.24 -5.10
N PHE A 456 -5.49 14.22 -4.70
CA PHE A 456 -5.01 14.03 -3.32
C PHE A 456 -4.12 15.16 -2.82
N ASP A 457 -4.67 15.98 -1.91
CA ASP A 457 -3.99 17.11 -1.31
C ASP A 457 -2.96 16.64 -0.28
N PHE A 458 -1.68 16.99 -0.50
CA PHE A 458 -0.51 16.64 0.33
C PHE A 458 -0.68 17.08 1.79
N TYR A 459 -1.08 18.34 2.04
CA TYR A 459 -1.25 18.87 3.39
C TYR A 459 -2.54 18.35 4.03
N ARG A 460 -3.64 18.29 3.26
CA ARG A 460 -4.91 17.80 3.78
C ARG A 460 -4.89 16.29 4.07
N GLY A 461 -3.98 15.58 3.41
CA GLY A 461 -3.81 14.14 3.57
C GLY A 461 -2.94 13.72 4.74
N MET A 462 -2.40 14.68 5.52
CA MET A 462 -1.54 14.37 6.68
C MET A 462 -2.38 13.79 7.80
N LEU A 463 -1.93 12.70 8.46
CA LEU A 463 -2.65 12.04 9.57
C LEU A 463 -3.28 13.02 10.55
N PRO A 464 -2.54 13.97 11.19
CA PRO A 464 -3.20 14.91 12.09
C PRO A 464 -4.35 15.68 11.44
N GLU A 465 -4.14 16.11 10.18
CA GLU A 465 -5.15 16.87 9.41
C GLU A 465 -6.36 16.01 9.06
N SER A 466 -6.12 14.76 8.60
CA SER A 466 -7.19 13.83 8.22
C SER A 466 -8.06 13.55 9.44
N LEU A 467 -7.45 13.30 10.61
CA LEU A 467 -8.24 13.06 11.85
C LEU A 467 -9.08 14.28 12.21
N LYS A 468 -8.48 15.49 12.08
CA LYS A 468 -9.10 16.78 12.39
C LYS A 468 -10.30 17.08 11.51
N ALA A 469 -10.13 16.98 10.18
CA ALA A 469 -11.17 17.24 9.19
C ALA A 469 -12.38 16.33 9.33
N ARG A 470 -12.14 15.07 9.72
CA ARG A 470 -13.14 14.03 9.87
C ARG A 470 -13.73 13.98 11.28
N ASN A 471 -13.16 14.75 12.23
CA ASN A 471 -13.60 14.80 13.64
C ASN A 471 -13.60 13.41 14.29
N VAL A 472 -12.52 12.65 14.03
CA VAL A 472 -12.28 11.32 14.58
C VAL A 472 -11.01 11.32 15.47
N ASP A 473 -10.46 12.53 15.71
CA ASP A 473 -9.23 12.76 16.49
C ASP A 473 -9.36 12.63 18.01
N ASP A 474 -10.57 12.74 18.54
CA ASP A 474 -10.81 12.70 19.97
C ASP A 474 -11.00 11.29 20.55
N PRO A 475 -10.04 10.78 21.34
CA PRO A 475 -10.20 9.44 21.92
C PRO A 475 -11.36 9.30 22.92
N ALA A 476 -11.81 10.43 23.53
CA ALA A 476 -12.94 10.42 24.48
C ALA A 476 -14.26 10.22 23.74
N ALA A 477 -14.37 10.80 22.52
CA ALA A 477 -15.57 10.68 21.69
C ALA A 477 -15.64 9.32 21.01
N LEU A 478 -14.51 8.81 20.48
CA LEU A 478 -14.45 7.52 19.78
C LEU A 478 -13.23 6.75 20.33
N PRO A 479 -13.44 5.95 21.41
CA PRO A 479 -12.31 5.25 22.05
C PRO A 479 -11.55 4.23 21.20
N ASP A 480 -12.27 3.29 20.54
CA ASP A 480 -11.61 2.24 19.74
C ASP A 480 -11.32 2.66 18.29
N TYR A 481 -10.18 3.30 18.07
CA TYR A 481 -9.75 3.71 16.73
C TYR A 481 -8.24 3.37 16.61
N PRO A 482 -7.92 2.06 16.42
CA PRO A 482 -6.50 1.63 16.38
C PRO A 482 -5.56 2.34 15.42
N TYR A 483 -6.02 2.59 14.19
CA TYR A 483 -5.23 3.30 13.19
C TYR A 483 -4.79 4.67 13.70
N ARG A 484 -5.72 5.47 14.29
CA ARG A 484 -5.45 6.81 14.83
C ARG A 484 -4.40 6.74 15.94
N ASP A 485 -4.71 5.96 17.01
CA ASP A 485 -3.86 5.83 18.20
C ASP A 485 -2.46 5.30 17.92
N ASP A 486 -2.35 4.18 17.19
CA ASP A 486 -1.04 3.62 16.86
C ASP A 486 -0.34 4.47 15.81
N GLY A 487 -1.12 5.05 14.89
CA GLY A 487 -0.62 5.90 13.83
C GLY A 487 0.02 7.18 14.33
N LEU A 488 -0.63 7.87 15.31
CA LEU A 488 -0.08 9.09 15.88
C LEU A 488 1.24 8.82 16.59
N LEU A 489 1.36 7.64 17.25
CA LEU A 489 2.60 7.24 17.91
C LEU A 489 3.75 7.20 16.89
N VAL A 490 3.51 6.57 15.75
CA VAL A 490 4.52 6.46 14.68
C VAL A 490 4.79 7.82 14.01
N TRP A 491 3.73 8.56 13.67
CA TRP A 491 3.80 9.89 13.06
C TRP A 491 4.65 10.83 13.92
N ASN A 492 4.39 10.87 15.24
CA ASN A 492 5.12 11.76 16.15
C ASN A 492 6.57 11.33 16.37
N ALA A 493 6.84 10.01 16.28
CA ALA A 493 8.18 9.47 16.40
C ALA A 493 8.98 9.91 15.18
N ILE A 494 8.37 9.85 13.97
CA ILE A 494 8.98 10.28 12.70
C ILE A 494 9.20 11.80 12.70
N ARG A 495 8.20 12.61 13.12
CA ARG A 495 8.40 14.07 13.12
C ARG A 495 9.56 14.54 13.98
N GLN A 496 9.76 13.94 15.17
CA GLN A 496 10.86 14.31 16.07
C GLN A 496 12.21 13.97 15.41
N TRP A 497 12.29 12.78 14.75
CA TRP A 497 13.47 12.32 14.01
C TRP A 497 13.78 13.32 12.90
N ALA A 498 12.75 13.70 12.10
CA ALA A 498 12.89 14.66 11.01
C ALA A 498 13.31 16.03 11.57
N ALA A 499 12.73 16.45 12.73
CA ALA A 499 13.10 17.71 13.40
C ALA A 499 14.56 17.69 13.83
N ASP A 500 15.01 16.57 14.40
CA ASP A 500 16.40 16.39 14.81
C ASP A 500 17.35 16.37 13.62
N TYR A 501 16.98 15.65 12.56
CA TYR A 501 17.78 15.55 11.34
C TYR A 501 17.93 16.93 10.67
N VAL A 502 16.79 17.63 10.43
CA VAL A 502 16.80 18.96 9.82
C VAL A 502 17.69 19.92 10.59
N ALA A 503 17.66 19.85 11.95
CA ALA A 503 18.46 20.70 12.85
C ALA A 503 19.96 20.50 12.71
N VAL A 504 20.42 19.30 12.32
CA VAL A 504 21.86 19.01 12.12
C VAL A 504 22.39 19.79 10.91
N TYR A 505 21.55 19.94 9.86
CA TYR A 505 21.97 20.59 8.61
C TYR A 505 21.49 22.02 8.38
N TYR A 506 20.30 22.37 8.89
CA TYR A 506 19.73 23.72 8.71
C TYR A 506 19.74 24.43 10.05
N ALA A 507 20.61 25.45 10.20
CA ALA A 507 20.75 26.22 11.44
C ALA A 507 19.69 27.31 11.57
N SER A 508 18.96 27.62 10.47
CA SER A 508 17.94 28.66 10.45
C SER A 508 17.02 28.48 9.25
N ASP A 509 15.98 29.33 9.14
CA ASP A 509 15.06 29.33 8.01
C ASP A 509 15.77 29.85 6.76
N GLY A 510 16.81 30.65 6.98
CA GLY A 510 17.68 31.22 5.94
C GLY A 510 18.35 30.14 5.11
N ASP A 511 18.83 29.07 5.78
CA ASP A 511 19.45 27.89 5.13
C ASP A 511 18.46 27.13 4.29
N VAL A 512 17.16 27.17 4.66
CA VAL A 512 16.08 26.49 3.94
C VAL A 512 15.85 27.20 2.61
N THR A 513 15.64 28.53 2.64
CA THR A 513 15.41 29.35 1.45
C THR A 513 16.65 29.46 0.56
N ALA A 514 17.85 29.44 1.18
CA ALA A 514 19.12 29.48 0.43
C ALA A 514 19.48 28.13 -0.23
N ASP A 515 18.71 27.03 0.04
CA ASP A 515 18.97 25.72 -0.56
C ASP A 515 18.33 25.63 -1.96
N VAL A 516 19.18 25.73 -3.00
CA VAL A 516 18.74 25.73 -4.41
C VAL A 516 18.26 24.35 -4.89
N GLU A 517 18.77 23.29 -4.25
CA GLU A 517 18.38 21.93 -4.58
C GLU A 517 17.01 21.62 -4.02
N LEU A 518 16.77 22.02 -2.76
CA LEU A 518 15.49 21.87 -2.08
C LEU A 518 14.42 22.67 -2.84
N ALA A 519 14.77 23.88 -3.32
CA ALA A 519 13.89 24.75 -4.11
C ALA A 519 13.47 24.05 -5.42
N ALA A 520 14.44 23.46 -6.15
CA ALA A 520 14.22 22.70 -7.39
C ALA A 520 13.41 21.44 -7.11
N TRP A 521 13.63 20.79 -5.93
CA TRP A 521 12.87 19.61 -5.49
C TRP A 521 11.41 20.01 -5.32
N VAL A 522 11.14 21.18 -4.70
CA VAL A 522 9.78 21.70 -4.51
C VAL A 522 9.12 21.98 -5.89
N GLY A 523 9.87 22.63 -6.79
CA GLY A 523 9.41 22.97 -8.14
C GLY A 523 9.00 21.76 -8.96
N GLU A 524 9.78 20.66 -8.86
CA GLU A 524 9.48 19.40 -9.57
C GLU A 524 8.31 18.65 -8.98
N VAL A 525 8.10 18.74 -7.63
CA VAL A 525 6.97 18.11 -6.92
C VAL A 525 5.63 18.76 -7.35
N ILE A 526 5.61 20.10 -7.41
CA ILE A 526 4.43 20.90 -7.80
C ILE A 526 4.15 20.71 -9.28
N GLY A 527 5.15 20.96 -10.12
CA GLY A 527 5.07 20.88 -11.58
C GLY A 527 4.91 19.47 -12.09
N SER A 528 6.02 18.87 -12.54
CA SER A 528 6.04 17.51 -13.12
C SER A 528 5.45 16.45 -12.21
N GLY A 529 5.64 16.62 -10.90
CA GLY A 529 5.16 15.69 -9.90
C GLY A 529 3.67 15.68 -9.71
N LYS A 530 3.01 16.81 -10.02
CA LYS A 530 1.56 17.01 -9.88
C LYS A 530 1.01 16.56 -8.51
N VAL A 531 1.73 16.93 -7.44
CA VAL A 531 1.28 16.63 -6.09
C VAL A 531 0.48 17.85 -5.65
N ALA A 532 -0.85 17.69 -5.62
CA ALA A 532 -1.81 18.72 -5.23
C ALA A 532 -1.55 19.24 -3.81
N GLY A 533 -1.68 20.55 -3.63
CA GLY A 533 -1.48 21.19 -2.32
C GLY A 533 -0.04 21.50 -1.95
N PHE A 534 0.95 20.92 -2.66
CA PHE A 534 2.37 21.17 -2.39
C PHE A 534 2.69 22.64 -2.72
N ARG A 535 3.42 23.30 -1.83
CA ARG A 535 3.73 24.73 -1.95
C ARG A 535 5.21 25.01 -1.62
N PRO A 536 5.76 26.22 -1.92
CA PRO A 536 7.16 26.50 -1.57
C PRO A 536 7.50 26.25 -0.10
N ILE A 537 8.72 25.74 0.18
CA ILE A 537 9.20 25.46 1.54
C ILE A 537 10.08 26.63 2.01
N THR A 538 9.47 27.49 2.83
CA THR A 538 10.06 28.72 3.30
C THR A 538 10.72 28.65 4.69
N GLY A 539 10.64 27.51 5.37
CA GLY A 539 11.23 27.39 6.70
C GLY A 539 11.44 26.00 7.23
N ARG A 540 12.13 25.90 8.38
CA ARG A 540 12.48 24.66 9.06
C ARG A 540 11.31 23.82 9.52
N SER A 541 10.33 24.44 10.22
CA SER A 541 9.12 23.77 10.74
C SER A 541 8.30 23.16 9.63
N GLN A 542 8.15 23.90 8.52
CA GLN A 542 7.42 23.47 7.34
C GLN A 542 8.17 22.28 6.73
N LEU A 543 9.51 22.38 6.61
CA LEU A 543 10.33 21.30 6.06
C LEU A 543 10.18 20.03 6.93
N VAL A 544 10.06 20.19 8.26
CA VAL A 544 9.85 19.06 9.18
C VAL A 544 8.51 18.35 8.90
N GLU A 545 7.40 19.11 8.75
CA GLU A 545 6.07 18.55 8.46
C GLU A 545 6.05 17.84 7.09
N VAL A 546 6.74 18.42 6.08
CA VAL A 546 6.83 17.87 4.72
C VAL A 546 7.55 16.54 4.79
N LEU A 547 8.74 16.51 5.42
CA LEU A 547 9.54 15.29 5.55
C LEU A 547 8.79 14.17 6.29
N THR A 548 8.09 14.51 7.38
CA THR A 548 7.28 13.58 8.18
C THR A 548 6.23 12.90 7.30
N MET A 549 5.46 13.70 6.55
CA MET A 549 4.42 13.21 5.63
C MET A 549 5.06 12.30 4.56
N VAL A 550 6.16 12.73 3.94
CA VAL A 550 6.83 11.92 2.91
C VAL A 550 7.27 10.57 3.48
N ILE A 551 7.97 10.59 4.64
CA ILE A 551 8.46 9.35 5.26
C ILE A 551 7.31 8.47 5.75
N PHE A 552 6.33 9.07 6.45
CA PHE A 552 5.18 8.32 6.96
C PHE A 552 4.41 7.65 5.81
N THR A 553 4.20 8.37 4.69
CA THR A 553 3.47 7.86 3.51
C THR A 553 4.16 6.65 2.92
N ALA A 554 5.50 6.71 2.83
CA ALA A 554 6.29 5.64 2.22
C ALA A 554 6.38 4.40 3.10
N SER A 555 6.36 4.61 4.42
CA SER A 555 6.57 3.53 5.36
C SER A 555 5.30 3.09 6.09
N ALA A 556 4.93 3.84 7.14
CA ALA A 556 3.81 3.58 8.04
C ALA A 556 2.44 3.50 7.37
N GLN A 557 2.05 4.55 6.62
CA GLN A 557 0.77 4.61 5.93
C GLN A 557 0.67 3.45 4.94
N HIS A 558 1.76 3.16 4.19
CA HIS A 558 1.71 2.03 3.28
C HIS A 558 1.54 0.72 4.05
N ALA A 559 2.26 0.52 5.16
CA ALA A 559 2.13 -0.71 5.94
C ALA A 559 0.70 -0.94 6.47
N ALA A 560 0.07 0.13 6.99
CA ALA A 560 -1.28 0.10 7.56
C ALA A 560 -2.37 -0.28 6.55
N VAL A 561 -2.19 0.05 5.26
CA VAL A 561 -3.19 -0.21 4.21
C VAL A 561 -2.85 -1.43 3.31
N ASN A 562 -1.56 -1.86 3.33
CA ASN A 562 -1.09 -3.00 2.55
C ASN A 562 -1.10 -4.32 3.34
N PHE A 563 -0.50 -4.33 4.55
CA PHE A 563 -0.37 -5.56 5.33
C PHE A 563 -1.67 -6.19 5.87
N PRO A 564 -2.85 -5.50 5.93
CA PRO A 564 -4.09 -6.22 6.22
C PRO A 564 -4.62 -7.09 5.06
N GLN A 565 -4.07 -6.95 3.81
CA GLN A 565 -4.49 -7.72 2.61
C GLN A 565 -4.57 -9.25 2.80
N PRO A 566 -3.53 -9.95 3.34
CA PRO A 566 -3.68 -11.41 3.56
C PRO A 566 -4.74 -11.80 4.59
N SER A 567 -4.81 -11.11 5.76
CA SER A 567 -5.75 -11.49 6.82
C SER A 567 -7.15 -10.92 6.67
N MET A 568 -7.34 -9.92 5.82
CA MET A 568 -8.69 -9.34 5.75
C MET A 568 -9.33 -9.39 4.39
N MET A 569 -8.54 -9.60 3.35
CA MET A 569 -9.02 -9.48 1.97
C MET A 569 -8.90 -10.69 1.08
N THR A 570 -8.33 -11.79 1.58
CA THR A 570 -8.15 -13.00 0.76
C THR A 570 -9.41 -13.82 0.53
N TYR A 571 -10.39 -13.67 1.45
CA TYR A 571 -11.66 -14.42 1.44
C TYR A 571 -12.78 -13.59 0.80
N ALA A 572 -13.22 -14.00 -0.42
CA ALA A 572 -14.24 -13.30 -1.21
C ALA A 572 -15.60 -13.01 -0.53
N PRO A 573 -16.23 -13.94 0.23
CA PRO A 573 -17.51 -13.60 0.90
C PRO A 573 -17.46 -12.45 1.89
N ALA A 574 -16.26 -12.17 2.47
CA ALA A 574 -16.06 -11.11 3.46
C ALA A 574 -15.80 -9.74 2.83
N ILE A 575 -15.33 -9.71 1.56
CA ILE A 575 -14.99 -8.51 0.78
C ILE A 575 -14.60 -8.95 -0.62
N CYS A 576 -15.09 -8.22 -1.63
CA CYS A 576 -14.79 -8.42 -3.05
C CYS A 576 -15.11 -7.12 -3.75
N ALA A 577 -14.30 -6.74 -4.75
CA ALA A 577 -14.47 -5.48 -5.50
C ALA A 577 -15.51 -5.58 -6.63
N MET A 578 -16.17 -6.75 -6.72
CA MET A 578 -17.26 -6.99 -7.64
C MET A 578 -18.27 -7.92 -7.00
N SER A 579 -19.55 -7.71 -7.33
CA SER A 579 -20.66 -8.58 -6.95
C SER A 579 -21.28 -9.11 -8.25
N ALA A 580 -21.81 -10.35 -8.22
CA ALA A 580 -22.47 -11.00 -9.36
C ALA A 580 -24.00 -10.77 -9.40
N ALA A 581 -24.55 -9.91 -8.53
CA ALA A 581 -25.98 -9.57 -8.51
C ALA A 581 -26.15 -8.10 -8.10
N PRO A 582 -27.29 -7.45 -8.43
CA PRO A 582 -27.45 -6.04 -8.05
C PRO A 582 -27.58 -5.88 -6.54
N ALA A 583 -27.52 -4.61 -6.07
CA ALA A 583 -27.74 -4.27 -4.66
C ALA A 583 -29.13 -4.81 -4.25
N PRO A 584 -29.38 -5.20 -2.98
CA PRO A 584 -30.73 -5.69 -2.61
C PRO A 584 -31.84 -4.67 -2.91
N ASP A 585 -32.90 -5.15 -3.55
CA ASP A 585 -34.01 -4.32 -4.01
C ASP A 585 -35.03 -4.03 -2.91
N SER A 586 -34.95 -4.77 -1.79
CA SER A 586 -35.88 -4.69 -0.69
C SER A 586 -35.23 -5.18 0.59
N PRO A 587 -35.46 -4.51 1.75
CA PRO A 587 -34.93 -5.01 3.03
C PRO A 587 -35.63 -6.30 3.46
N SER A 588 -36.90 -6.46 3.05
CA SER A 588 -37.69 -7.62 3.42
C SER A 588 -37.77 -8.68 2.34
N GLY A 589 -38.00 -9.92 2.78
CA GLY A 589 -38.21 -11.07 1.92
C GLY A 589 -37.02 -11.71 1.23
N LYS A 590 -35.79 -11.23 1.50
CA LYS A 590 -34.59 -11.80 0.86
C LYS A 590 -34.24 -13.16 1.47
N SER A 591 -33.52 -14.00 0.71
CA SER A 591 -33.15 -15.35 1.14
C SER A 591 -31.63 -15.56 1.09
N GLU A 592 -31.17 -16.75 1.56
CA GLU A 592 -29.78 -17.15 1.52
C GLU A 592 -29.30 -17.20 0.06
N ALA A 593 -30.14 -17.74 -0.86
CA ALA A 593 -29.86 -17.85 -2.30
C ALA A 593 -29.69 -16.48 -2.94
N ASP A 594 -30.44 -15.45 -2.46
CA ASP A 594 -30.36 -14.08 -2.98
C ASP A 594 -29.02 -13.47 -2.63
N TRP A 595 -28.53 -13.73 -1.40
CA TRP A 595 -27.24 -13.21 -0.95
C TRP A 595 -26.12 -13.96 -1.65
N LEU A 596 -26.27 -15.30 -1.82
CA LEU A 596 -25.30 -16.15 -2.51
C LEU A 596 -25.07 -15.69 -3.95
N LYS A 597 -26.11 -15.15 -4.58
CA LYS A 597 -26.09 -14.62 -5.95
C LYS A 597 -25.17 -13.43 -6.15
N MET A 598 -24.79 -12.77 -5.03
CA MET A 598 -23.86 -11.64 -5.04
C MET A 598 -22.41 -12.13 -5.08
N MET A 599 -22.18 -13.40 -4.67
CA MET A 599 -20.82 -13.96 -4.58
C MET A 599 -20.13 -14.03 -5.94
N PRO A 600 -18.83 -13.68 -6.03
CA PRO A 600 -18.19 -13.62 -7.35
C PRO A 600 -17.96 -15.00 -7.98
N PRO A 601 -17.61 -15.06 -9.29
CA PRO A 601 -17.25 -16.37 -9.87
C PRO A 601 -15.90 -16.82 -9.30
N THR A 602 -15.62 -18.11 -9.41
CA THR A 602 -14.38 -18.72 -8.91
C THR A 602 -13.06 -18.06 -9.38
N LEU A 603 -13.00 -17.60 -10.64
CA LEU A 603 -11.78 -16.94 -11.14
C LEU A 603 -11.37 -15.70 -10.30
N VAL A 604 -12.36 -14.90 -9.87
CA VAL A 604 -12.14 -13.68 -9.04
C VAL A 604 -11.52 -14.07 -7.70
N ALA A 605 -12.11 -15.12 -7.06
CA ALA A 605 -11.67 -15.67 -5.78
C ALA A 605 -10.26 -16.23 -5.88
N LEU A 606 -9.95 -16.88 -7.02
CA LEU A 606 -8.65 -17.49 -7.28
C LEU A 606 -7.60 -16.41 -7.36
N GLU A 607 -7.85 -15.36 -8.17
CA GLU A 607 -6.92 -14.26 -8.33
C GLU A 607 -6.77 -13.44 -7.05
N LYS A 608 -7.88 -13.20 -6.35
CA LYS A 608 -7.94 -12.48 -5.07
C LYS A 608 -7.05 -13.11 -3.98
N VAL A 609 -7.18 -14.42 -3.76
CA VAL A 609 -6.40 -15.10 -2.73
C VAL A 609 -4.89 -15.01 -3.02
N ASN A 610 -4.50 -15.21 -4.28
CA ASN A 610 -3.11 -15.21 -4.70
C ASN A 610 -2.48 -13.82 -4.69
N ILE A 611 -3.14 -12.82 -5.29
CA ILE A 611 -2.56 -11.47 -5.25
C ILE A 611 -2.51 -10.88 -3.83
N TYR A 612 -3.59 -11.03 -3.05
CA TYR A 612 -3.60 -10.45 -1.69
C TYR A 612 -2.65 -11.11 -0.70
N HIS A 613 -2.39 -12.41 -0.85
CA HIS A 613 -1.41 -13.07 0.00
C HIS A 613 -0.03 -12.57 -0.39
N LEU A 614 0.27 -12.50 -1.71
CA LEU A 614 1.56 -12.02 -2.17
C LEU A 614 1.88 -10.60 -1.65
N LEU A 615 1.00 -9.64 -1.96
CA LEU A 615 1.19 -8.25 -1.56
C LEU A 615 1.36 -7.99 -0.07
N GLY A 616 0.77 -8.83 0.79
CA GLY A 616 0.94 -8.65 2.23
C GLY A 616 1.89 -9.63 2.90
N SER A 617 2.79 -10.29 2.15
CA SER A 617 3.72 -11.27 2.75
C SER A 617 5.18 -10.92 2.59
N VAL A 618 5.47 -9.79 1.92
CA VAL A 618 6.85 -9.37 1.70
C VAL A 618 7.12 -8.14 2.57
N TYR A 619 7.92 -8.33 3.63
CA TYR A 619 8.35 -7.29 4.56
C TYR A 619 9.82 -7.05 4.28
N HIS A 620 10.11 -6.03 3.49
CA HIS A 620 11.48 -5.76 3.06
C HIS A 620 11.95 -4.42 3.59
N GLY A 621 12.93 -4.48 4.49
CA GLY A 621 13.45 -3.29 5.18
C GLY A 621 12.57 -2.95 6.35
N ARG A 622 13.06 -2.07 7.25
CA ARG A 622 12.29 -1.66 8.43
C ARG A 622 12.49 -0.20 8.74
N LEU A 623 11.41 0.45 9.15
CA LEU A 623 11.47 1.83 9.58
C LEU A 623 12.48 2.05 10.73
N GLY A 624 13.39 2.99 10.52
CA GLY A 624 14.39 3.34 11.52
C GLY A 624 15.68 2.56 11.50
N ASP A 625 15.71 1.40 10.81
CA ASP A 625 16.91 0.56 10.69
CA ASP A 625 16.93 0.60 10.75
C ASP A 625 18.05 1.38 10.08
N TYR A 626 17.78 2.07 8.94
CA TYR A 626 18.81 2.88 8.25
C TYR A 626 20.13 2.19 7.95
N ARG A 627 20.02 0.98 7.44
CA ARG A 627 21.14 0.19 6.94
C ARG A 627 20.71 -0.22 5.54
N GLN A 628 21.66 -0.48 4.65
CA GLN A 628 21.28 -0.95 3.32
C GLN A 628 20.57 -2.33 3.51
N THR A 629 19.53 -2.58 2.73
CA THR A 629 18.76 -3.83 2.79
C THR A 629 19.42 -4.97 1.95
N GLY A 630 20.52 -4.66 1.31
CA GLY A 630 21.30 -5.60 0.50
C GLY A 630 22.77 -5.56 0.90
N PHE A 631 23.53 -6.64 0.67
CA PHE A 631 24.96 -6.71 1.03
C PHE A 631 25.73 -5.47 0.47
N PRO A 632 26.66 -4.84 1.21
CA PRO A 632 27.22 -5.20 2.54
C PRO A 632 26.38 -4.82 3.76
N TYR A 633 25.13 -4.30 3.57
CA TYR A 633 24.22 -3.85 4.65
C TYR A 633 24.91 -2.73 5.46
N ALA A 634 25.65 -1.86 4.76
CA ALA A 634 26.39 -0.77 5.40
C ALA A 634 25.42 0.28 5.98
N PRO A 635 25.81 1.08 7.00
CA PRO A 635 24.87 2.10 7.52
C PRO A 635 24.52 3.10 6.42
N VAL A 636 23.30 3.69 6.49
CA VAL A 636 22.86 4.70 5.52
C VAL A 636 23.65 6.00 5.80
N PHE A 637 23.75 6.38 7.09
CA PHE A 637 24.41 7.63 7.47
C PHE A 637 25.86 7.46 7.87
N SER A 638 26.73 8.29 7.30
CA SER A 638 28.15 8.33 7.64
C SER A 638 28.45 9.54 8.52
N ASP A 639 27.56 10.56 8.52
CA ASP A 639 27.74 11.76 9.37
C ASP A 639 27.68 11.36 10.84
N ARG A 640 28.81 11.56 11.54
CA ARG A 640 28.98 11.22 12.95
C ARG A 640 28.02 11.95 13.88
N ARG A 641 27.51 13.13 13.44
CA ARG A 641 26.53 13.90 14.22
C ARG A 641 25.18 13.19 14.17
N VAL A 642 24.88 12.48 13.07
CA VAL A 642 23.62 11.72 12.88
C VAL A 642 23.69 10.42 13.69
N THR A 643 24.82 9.71 13.59
CA THR A 643 25.08 8.40 14.17
C THR A 643 25.68 8.39 15.58
N ALA A 644 25.85 9.55 16.23
CA ALA A 644 26.45 9.64 17.56
C ALA A 644 25.69 8.81 18.61
N SER A 645 26.43 8.31 19.62
CA SER A 645 25.87 7.57 20.74
C SER A 645 24.89 8.52 21.51
N GLY A 646 23.62 8.13 21.55
CA GLY A 646 22.53 8.93 22.11
C GLY A 646 22.08 10.06 21.20
N GLY A 647 22.60 10.08 19.97
CA GLY A 647 22.31 11.11 18.98
C GLY A 647 20.95 10.98 18.31
N PRO A 648 20.73 11.76 17.22
CA PRO A 648 19.42 11.75 16.53
C PRO A 648 18.91 10.40 16.05
N LEU A 649 19.77 9.60 15.37
CA LEU A 649 19.35 8.30 14.87
C LEU A 649 19.01 7.31 16.01
N GLU A 650 19.90 7.17 17.02
CA GLU A 650 19.67 6.28 18.18
C GLU A 650 18.40 6.59 18.94
N ARG A 651 18.09 7.90 19.10
CA ARG A 651 16.89 8.36 19.78
C ARG A 651 15.63 7.90 19.03
N PHE A 652 15.67 7.98 17.67
CA PHE A 652 14.54 7.58 16.84
C PHE A 652 14.31 6.06 16.98
N GLN A 653 15.39 5.25 16.87
CA GLN A 653 15.33 3.80 17.03
C GLN A 653 14.83 3.41 18.45
N ALA A 654 15.27 4.14 19.50
CA ALA A 654 14.81 3.89 20.85
C ALA A 654 13.34 4.28 21.01
N ARG A 655 12.89 5.40 20.38
CA ARG A 655 11.48 5.82 20.42
C ARG A 655 10.58 4.76 19.75
N LEU A 656 11.06 4.15 18.64
CA LEU A 656 10.36 3.10 17.92
C LEU A 656 10.11 1.86 18.78
N LYS A 657 11.11 1.46 19.59
CA LYS A 657 10.99 0.33 20.52
C LYS A 657 10.04 0.62 21.66
N GLU A 658 9.92 1.93 22.06
CA GLU A 658 8.98 2.38 23.08
C GLU A 658 7.56 2.27 22.52
N VAL A 659 7.33 2.81 21.29
CA VAL A 659 6.06 2.78 20.54
C VAL A 659 5.63 1.32 20.39
N GLU A 660 6.55 0.41 20.04
CA GLU A 660 6.30 -1.02 19.89
C GLU A 660 5.71 -1.60 21.19
N ALA A 661 6.35 -1.29 22.34
CA ALA A 661 5.90 -1.74 23.66
C ALA A 661 4.54 -1.16 24.03
N THR A 662 4.28 0.12 23.65
CA THR A 662 2.98 0.76 23.94
C THR A 662 1.88 0.03 23.20
N ILE A 663 2.09 -0.24 21.88
CA ILE A 663 1.11 -0.93 21.03
C ILE A 663 0.78 -2.34 21.53
N ARG A 664 1.79 -3.15 21.89
CA ARG A 664 1.62 -4.52 22.41
C ARG A 664 0.78 -4.52 23.66
N THR A 665 0.91 -3.47 24.51
CA THR A 665 0.10 -3.31 25.71
C THR A 665 -1.33 -2.98 25.27
N ARG A 666 -1.53 -2.05 24.30
CA ARG A 666 -2.87 -1.68 23.81
C ARG A 666 -3.59 -2.89 23.21
N ASN A 667 -2.88 -3.73 22.43
CA ASN A 667 -3.43 -4.93 21.81
C ASN A 667 -3.91 -5.97 22.83
N GLN A 668 -3.31 -6.00 24.05
CA GLN A 668 -3.77 -6.92 25.11
C GLN A 668 -5.18 -6.55 25.58
N ALA A 669 -5.52 -5.24 25.54
CA ALA A 669 -6.81 -4.69 25.94
C ALA A 669 -7.81 -4.48 24.78
N ARG A 670 -7.35 -4.63 23.51
CA ARG A 670 -8.25 -4.47 22.34
C ARG A 670 -9.06 -5.74 22.07
N ARG A 671 -10.25 -5.61 21.42
CA ARG A 671 -11.10 -6.77 21.07
C ARG A 671 -10.42 -7.75 20.14
N LYS A 672 -9.53 -7.23 19.29
CA LYS A 672 -8.73 -7.97 18.34
C LYS A 672 -7.40 -7.19 18.24
N PRO A 673 -6.22 -7.86 18.17
CA PRO A 673 -4.97 -7.09 18.06
C PRO A 673 -4.88 -6.35 16.74
N TYR A 674 -4.47 -5.07 16.78
CA TYR A 674 -4.21 -4.29 15.57
C TYR A 674 -2.69 -4.20 15.50
N GLU A 675 -2.09 -4.99 14.60
CA GLU A 675 -0.63 -5.10 14.57
C GLU A 675 0.10 -4.46 13.41
N TYR A 676 -0.64 -3.78 12.52
CA TYR A 676 -0.04 -3.20 11.30
C TYR A 676 0.91 -2.07 11.51
N LEU A 677 0.69 -1.31 12.59
CA LEU A 677 1.53 -0.18 12.95
C LEU A 677 2.59 -0.47 14.02
N LEU A 678 2.90 -1.76 14.25
CA LEU A 678 4.00 -2.15 15.13
C LEU A 678 5.25 -1.80 14.33
N PRO A 679 6.15 -0.94 14.86
CA PRO A 679 7.32 -0.54 14.07
C PRO A 679 8.18 -1.69 13.51
N SER A 680 8.18 -2.87 14.19
CA SER A 680 8.92 -4.06 13.74
C SER A 680 8.30 -4.68 12.46
N ARG A 681 7.07 -4.21 12.07
CA ARG A 681 6.33 -4.70 10.90
CA ARG A 681 6.30 -4.70 10.91
C ARG A 681 6.13 -3.59 9.86
N ILE A 682 6.84 -2.48 10.03
CA ILE A 682 6.75 -1.36 9.10
C ILE A 682 7.99 -1.34 8.22
N PRO A 683 7.92 -1.63 6.91
CA PRO A 683 9.10 -1.47 6.06
C PRO A 683 9.37 0.04 5.89
N ALA A 684 10.61 0.43 5.53
CA ALA A 684 10.99 1.86 5.36
C ALA A 684 10.39 2.48 4.10
N SER A 685 10.14 1.65 3.09
CA SER A 685 9.65 2.10 1.80
C SER A 685 8.45 1.29 1.33
N THR A 686 7.81 1.78 0.24
CA THR A 686 6.71 1.12 -0.48
C THR A 686 7.37 0.30 -1.58
N ASN A 687 7.50 -1.00 -1.36
CA ASN A 687 8.21 -1.87 -2.27
C ASN A 687 7.42 -3.12 -2.61
N ILE A 688 6.17 -3.22 -2.15
CA ILE A 688 5.29 -4.36 -2.45
C ILE A 688 3.84 -3.87 -2.62
FE FE2 B . 1.42 -1.94 -1.56
N ZPE C . 3.81 -11.04 -17.97
P ZPE C . 7.55 -10.27 -16.17
C' ZPE C . 5.53 -12.32 -12.06
O' ZPE C . 6.03 -13.26 -11.47
C1 ZPE C . 8.45 -11.19 -13.85
C2 ZPE C . 7.78 -11.49 -12.53
O2 ZPE C . 6.38 -11.31 -12.67
C3 ZPE C . 8.37 -10.53 -11.51
O3 ZPE C . 7.40 -10.19 -10.51
C4 ZPE C . 4.93 -10.67 -15.77
C5 ZPE C . 3.71 -11.21 -16.52
CB ZPE C . 7.49 -8.92 -9.81
OB ZPE C . 7.80 -7.92 -10.41
C1' ZPE C . 4.03 -12.18 -12.15
C1B ZPE C . 7.20 -8.86 -8.34
O1P ZPE C . 7.39 -8.84 -16.63
C2' ZPE C . 3.42 -11.90 -10.79
C2B ZPE C . 5.88 -9.56 -8.02
O2P ZPE C . 8.68 -11.07 -16.74
C3' ZPE C . 1.90 -11.82 -10.87
C3B ZPE C . 4.71 -8.59 -7.97
O3P ZPE C . 7.67 -10.24 -14.57
C4' ZPE C . 1.18 -12.19 -9.55
C4B ZPE C . 4.06 -8.48 -9.35
O4P ZPE C . 6.17 -11.08 -16.39
C5' ZPE C . 0.98 -13.70 -9.46
C5B ZPE C . 2.76 -7.68 -9.39
C6' ZPE C . 0.34 -14.14 -8.14
C6B ZPE C . 2.99 -6.18 -9.22
C7' ZPE C . 0.75 -15.56 -7.72
C7B ZPE C . 2.44 -5.78 -7.86
C8' ZPE C . 0.51 -16.67 -8.75
C8B ZPE C . 2.27 -4.28 -7.76
C9' ZPE C . -0.11 -17.91 -8.10
C9B ZPE C . 1.56 -3.91 -6.45
CA' ZPE C . -0.92 -18.82 -9.04
CAA ZPE C . 1.36 -2.40 -6.44
CB' ZPE C . -1.87 -18.07 -9.97
CBA ZPE C . 0.11 -1.98 -5.70
CC' ZPE C . -3.34 -18.21 -9.59
CCA ZPE C . -1.21 -2.23 -6.42
CD' ZPE C . -4.20 -17.36 -10.50
CDA ZPE C . -2.31 -2.17 -5.39
CEA ZPE C . -3.67 -2.54 -5.99
CFA ZPE C . -3.90 -4.04 -5.84
CGA ZPE C . -5.28 -4.42 -6.32
CHA ZPE C . -5.27 -5.86 -6.77
C1 GOL D . -12.14 -4.86 -20.86
O1 GOL D . -11.87 -6.24 -20.61
C2 GOL D . -13.40 -4.47 -20.08
O2 GOL D . -13.10 -3.94 -18.76
C3 GOL D . -14.34 -3.54 -20.89
O3 GOL D . -13.65 -2.72 -21.84
C1 GOL E . 17.79 4.39 -4.98
O1 GOL E . 18.89 3.51 -4.79
C2 GOL E . 16.87 4.43 -3.73
O2 GOL E . 16.66 3.10 -3.22
C3 GOL E . 15.50 5.14 -3.96
O3 GOL E . 15.34 5.82 -5.23
C1 GOL F . -7.50 11.67 -14.92
O1 GOL F . -8.52 10.67 -14.72
C2 GOL F . -6.21 11.05 -15.51
O2 GOL F . -5.75 9.94 -14.73
C3 GOL F . -6.41 10.64 -16.98
O3 GOL F . -5.92 11.68 -17.83
C1 GOL G . -4.46 -16.14 3.25
O1 GOL G . -3.59 -16.41 2.14
C2 GOL G . -3.71 -16.26 4.58
O2 GOL G . -4.66 -16.11 5.64
C3 GOL G . -3.00 -17.62 4.71
O3 GOL G . -2.23 -17.67 5.91
C1 GOL H . 34.55 4.21 11.93
O1 GOL H . 35.20 3.50 10.88
C2 GOL H . 33.07 4.46 11.63
O2 GOL H . 32.24 3.56 12.39
C3 GOL H . 32.66 5.92 11.94
O3 GOL H . 33.08 6.34 13.26
#